data_7NE2
#
_entry.id   7NE2
#
_cell.length_a   48.774
_cell.length_b   82.705
_cell.length_c   85.203
_cell.angle_alpha   65.590
_cell.angle_beta   87.730
_cell.angle_gamma   78.210
#
_symmetry.space_group_name_H-M   'P 1'
#
loop_
_entity.id
_entity.type
_entity.pdbx_description
1 polymer 'Sulfofructosephosphate aldolase'
2 non-polymer '(2~{S},3~{S},4~{R})-2,3,4,5-tetrakis(oxidanyl)-6-phosphonooxy-hexane-1-sulfonic acid'
3 non-polymer '[(~{E})-2,3-bis(oxidanyl)prop-1-enyl] dihydrogen phosphate'
4 water water
#
_entity_poly.entity_id   1
_entity_poly.type   'polypeptide(L)'
_entity_poly.pdbx_seq_one_letter_code
;MGSSHHHHHHSSGLVPRGSHMNNYTIKDITRASGGFAMLAVDQREAMRLMFAAAGAKTPVADSVLTDFKVNAAKILSPYA
SAVLLDQQFCYRQAVEQNAVAKSCAMIVAADDFIPGNGIPVDNVVLDKKINAQAVKRDGAKALKLLVLWRSDEDAQQRLN
MVKEFNELCHSNGLLSIIEPVVRPPRCGDKFDREQAIIDAAKELGDSGADLYKVEMPLYGKGARSDLLTASQRLNGHINM
PWVILSSGVDEKLFPRAVRVAMEAGASGFLAGRAVWSSVIGLPDTELMLRDVSAPKLQRLGEIVDEMMAKRR
;
_entity_poly.pdbx_strand_id   A,B,C,D
#
# COMPACT_ATOMS: atom_id res chain seq x y z
N ASN A 22 -12.21 17.86 -34.25
CA ASN A 22 -11.45 16.57 -34.33
C ASN A 22 -10.22 16.62 -33.43
N ASN A 23 -10.34 17.12 -32.20
CA ASN A 23 -9.13 17.31 -31.34
C ASN A 23 -8.70 15.95 -30.80
N TYR A 24 -7.41 15.75 -30.57
CA TYR A 24 -6.93 14.48 -29.96
C TYR A 24 -5.66 14.81 -29.17
N THR A 25 -5.34 13.95 -28.20
CA THR A 25 -4.09 14.15 -27.43
C THR A 25 -3.55 12.77 -27.02
N ILE A 26 -2.24 12.65 -27.18
CA ILE A 26 -1.50 11.44 -26.74
C ILE A 26 -1.76 11.17 -25.25
N LYS A 27 -2.02 12.23 -24.47
CA LYS A 27 -2.21 12.08 -23.01
C LYS A 27 -3.47 11.26 -22.74
N ASP A 28 -4.36 11.06 -23.73
CA ASP A 28 -5.54 10.22 -23.47
C ASP A 28 -5.16 8.73 -23.33
N ILE A 29 -3.91 8.29 -23.62
CA ILE A 29 -3.59 6.85 -23.51
C ILE A 29 -2.42 6.57 -22.56
N THR A 30 -1.94 7.60 -21.86
CA THR A 30 -0.77 7.48 -20.97
C THR A 30 -1.21 7.38 -19.51
N ARG A 31 -0.32 6.86 -18.67
CA ARG A 31 -0.41 7.07 -17.23
C ARG A 31 -0.22 8.56 -16.94
N ALA A 32 -0.56 8.98 -15.73
CA ALA A 32 -0.28 10.36 -15.28
C ALA A 32 1.21 10.70 -15.40
N SER A 33 2.12 9.70 -15.27
CA SER A 33 3.60 9.90 -15.40
C SER A 33 3.98 10.33 -16.82
N GLY A 34 3.11 10.10 -17.78
CA GLY A 34 3.41 10.31 -19.20
C GLY A 34 3.87 9.03 -19.90
N GLY A 35 4.11 7.98 -19.13
CA GLY A 35 4.50 6.69 -19.72
C GLY A 35 3.27 5.93 -20.21
N PHE A 36 3.49 4.99 -21.11
CA PHE A 36 2.42 4.16 -21.70
C PHE A 36 2.53 2.80 -21.07
N ALA A 37 1.41 2.32 -20.49
CA ALA A 37 1.36 0.99 -19.85
C ALA A 37 0.12 0.29 -20.39
N MET A 38 0.22 -0.21 -21.60
CA MET A 38 -0.98 -0.55 -22.40
C MET A 38 -1.05 -2.04 -22.67
N LEU A 39 -2.31 -2.56 -22.65
CA LEU A 39 -2.64 -3.99 -22.73
C LEU A 39 -3.20 -4.30 -24.10
N ALA A 40 -2.70 -5.33 -24.75
CA ALA A 40 -3.19 -5.81 -26.07
C ALA A 40 -3.96 -7.09 -25.85
N VAL A 41 -5.22 -7.15 -26.30
CA VAL A 41 -6.00 -8.39 -26.31
C VAL A 41 -6.67 -8.53 -27.68
N ASP A 42 -6.10 -7.94 -28.73
CA ASP A 42 -6.72 -7.91 -30.08
C ASP A 42 -6.27 -9.08 -30.97
N GLN A 43 -5.54 -10.06 -30.43
CA GLN A 43 -5.03 -11.18 -31.24
C GLN A 43 -6.20 -12.00 -31.79
N ARG A 44 -6.14 -12.42 -33.04
CA ARG A 44 -7.30 -13.04 -33.72
C ARG A 44 -6.99 -14.53 -33.96
N GLU A 45 -6.78 -14.96 -35.20
CA GLU A 45 -6.50 -16.40 -35.46
C GLU A 45 -5.25 -16.83 -34.69
N ALA A 46 -4.27 -15.93 -34.48
CA ALA A 46 -3.08 -16.27 -33.68
C ALA A 46 -3.52 -16.70 -32.28
N MET A 47 -4.54 -16.09 -31.69
CA MET A 47 -5.02 -16.47 -30.34
C MET A 47 -5.71 -17.86 -30.42
N ARG A 48 -6.46 -18.12 -31.49
CA ARG A 48 -7.11 -19.45 -31.65
C ARG A 48 -6.03 -20.53 -31.68
N LEU A 49 -4.91 -20.29 -32.36
CA LEU A 49 -3.79 -21.27 -32.45
C LEU A 49 -3.17 -21.43 -31.06
N MET A 50 -3.09 -20.37 -30.26
CA MET A 50 -2.56 -20.46 -28.88
C MET A 50 -3.44 -21.37 -28.01
N PHE A 51 -4.76 -21.29 -28.14
CA PHE A 51 -5.70 -22.12 -27.35
C PHE A 51 -5.53 -23.59 -27.77
N ALA A 52 -5.44 -23.85 -29.08
CA ALA A 52 -5.22 -25.23 -29.60
C ALA A 52 -3.91 -25.78 -29.04
N ALA A 53 -2.81 -25.02 -29.14
CA ALA A 53 -1.47 -25.42 -28.65
C ALA A 53 -1.51 -25.71 -27.14
N ALA A 54 -2.36 -25.04 -26.36
CA ALA A 54 -2.45 -25.18 -24.88
C ALA A 54 -3.39 -26.33 -24.51
N GLY A 55 -4.02 -26.98 -25.49
CA GLY A 55 -4.78 -28.23 -25.30
C GLY A 55 -6.29 -28.05 -25.28
N ALA A 56 -6.82 -26.89 -25.67
CA ALA A 56 -8.29 -26.67 -25.76
C ALA A 56 -8.86 -27.65 -26.79
N LYS A 57 -10.13 -28.05 -26.61
CA LYS A 57 -10.89 -28.86 -27.59
C LYS A 57 -10.93 -28.11 -28.93
N THR A 58 -10.61 -28.79 -30.03
CA THR A 58 -10.63 -28.22 -31.39
C THR A 58 -11.82 -28.79 -32.16
N PRO A 59 -12.44 -28.01 -33.07
CA PRO A 59 -12.04 -26.65 -33.36
C PRO A 59 -12.44 -25.73 -32.19
N VAL A 60 -11.62 -24.73 -31.88
CA VAL A 60 -11.87 -23.75 -30.78
C VAL A 60 -12.93 -22.78 -31.28
N ALA A 61 -14.06 -22.69 -30.58
CA ALA A 61 -15.20 -21.84 -31.00
C ALA A 61 -14.83 -20.36 -30.77
N ASP A 62 -15.41 -19.48 -31.58
CA ASP A 62 -15.23 -18.02 -31.44
C ASP A 62 -15.57 -17.60 -30.02
N SER A 63 -16.59 -18.20 -29.38
CA SER A 63 -17.07 -17.71 -28.07
C SER A 63 -15.97 -17.90 -27.00
N VAL A 64 -15.13 -18.90 -27.16
CA VAL A 64 -14.00 -19.17 -26.24
C VAL A 64 -13.03 -17.97 -26.30
N LEU A 65 -12.74 -17.46 -27.50
CA LEU A 65 -11.82 -16.30 -27.68
C LEU A 65 -12.48 -15.05 -27.10
N THR A 66 -13.74 -14.79 -27.46
CA THR A 66 -14.51 -13.64 -26.95
C THR A 66 -14.52 -13.65 -25.43
N ASP A 67 -14.86 -14.80 -24.82
CA ASP A 67 -15.00 -14.85 -23.35
C ASP A 67 -13.63 -14.59 -22.69
N PHE A 68 -12.58 -15.16 -23.22
CA PHE A 68 -11.20 -14.92 -22.68
C PHE A 68 -10.84 -13.44 -22.80
N LYS A 69 -11.06 -12.85 -23.97
CA LYS A 69 -10.69 -11.44 -24.25
C LYS A 69 -11.44 -10.50 -23.31
N VAL A 70 -12.75 -10.73 -23.14
CA VAL A 70 -13.56 -9.85 -22.27
C VAL A 70 -13.14 -10.03 -20.80
N ASN A 71 -12.84 -11.25 -20.37
CA ASN A 71 -12.34 -11.51 -19.00
C ASN A 71 -11.00 -10.81 -18.80
N ALA A 72 -10.15 -10.90 -19.80
CA ALA A 72 -8.81 -10.24 -19.70
C ALA A 72 -9.03 -8.73 -19.57
N ALA A 73 -9.86 -8.14 -20.42
CA ALA A 73 -10.13 -6.70 -20.32
C ALA A 73 -10.71 -6.35 -18.94
N LYS A 74 -11.66 -7.11 -18.46
CA LYS A 74 -12.38 -6.83 -17.20
C LYS A 74 -11.40 -6.83 -16.02
N ILE A 75 -10.54 -7.84 -16.01
CA ILE A 75 -9.67 -8.07 -14.82
C ILE A 75 -8.38 -7.23 -14.92
N LEU A 76 -7.89 -6.98 -16.13
CA LEU A 76 -6.54 -6.36 -16.29
C LEU A 76 -6.65 -4.88 -16.65
N SER A 77 -7.72 -4.42 -17.29
CA SER A 77 -7.81 -2.98 -17.67
C SER A 77 -7.69 -2.04 -16.49
N PRO A 78 -8.05 -2.39 -15.22
CA PRO A 78 -7.77 -1.45 -14.12
C PRO A 78 -6.29 -1.07 -13.95
N TYR A 79 -5.40 -1.90 -14.47
CA TYR A 79 -3.92 -1.73 -14.30
C TYR A 79 -3.31 -1.13 -15.55
N ALA A 80 -4.10 -0.84 -16.58
CA ALA A 80 -3.58 -0.39 -17.89
C ALA A 80 -4.02 1.04 -18.18
N SER A 81 -3.18 1.79 -18.91
CA SER A 81 -3.52 3.18 -19.30
C SER A 81 -4.42 3.11 -20.55
N ALA A 82 -4.28 2.04 -21.32
CA ALA A 82 -5.16 1.82 -22.49
C ALA A 82 -5.22 0.34 -22.76
N VAL A 83 -6.30 -0.11 -23.40
CA VAL A 83 -6.45 -1.51 -23.82
C VAL A 83 -6.79 -1.54 -25.29
N LEU A 84 -6.19 -2.51 -26.02
CA LEU A 84 -6.37 -2.67 -27.47
C LEU A 84 -7.28 -3.86 -27.73
N LEU A 85 -8.39 -3.58 -28.41
CA LEU A 85 -9.48 -4.54 -28.67
C LEU A 85 -9.72 -4.66 -30.16
N ASP A 86 -10.08 -5.88 -30.61
CA ASP A 86 -10.44 -6.08 -32.03
C ASP A 86 -11.97 -6.19 -32.19
N GLN A 87 -12.48 -5.68 -33.31
CA GLN A 87 -13.95 -5.82 -33.58
C GLN A 87 -14.34 -7.27 -33.85
N GLN A 88 -13.47 -8.09 -34.41
CA GLN A 88 -13.85 -9.48 -34.78
C GLN A 88 -14.36 -10.22 -33.55
N PHE A 89 -13.69 -10.13 -32.40
CA PHE A 89 -13.98 -11.00 -31.25
C PHE A 89 -14.37 -10.26 -29.97
N CYS A 90 -14.08 -8.98 -29.74
CA CYS A 90 -14.26 -8.46 -28.37
C CYS A 90 -14.55 -6.98 -28.17
N TYR A 91 -14.38 -6.10 -29.16
CA TYR A 91 -14.60 -4.66 -28.92
C TYR A 91 -16.04 -4.41 -28.43
N ARG A 92 -17.01 -4.81 -29.25
CA ARG A 92 -18.44 -4.51 -28.94
C ARG A 92 -18.85 -5.16 -27.61
N GLN A 93 -18.40 -6.39 -27.39
CA GLN A 93 -18.74 -7.18 -26.17
C GLN A 93 -18.14 -6.47 -24.96
N ALA A 94 -16.88 -6.01 -25.04
CA ALA A 94 -16.21 -5.39 -23.89
C ALA A 94 -16.94 -4.10 -23.54
N VAL A 95 -17.31 -3.32 -24.54
CA VAL A 95 -18.01 -2.03 -24.34
C VAL A 95 -19.38 -2.36 -23.70
N GLU A 96 -20.15 -3.23 -24.34
CA GLU A 96 -21.55 -3.48 -23.92
C GLU A 96 -21.58 -4.04 -22.49
N GLN A 97 -20.57 -4.82 -22.10
CA GLN A 97 -20.53 -5.53 -20.80
C GLN A 97 -19.79 -4.71 -19.74
N ASN A 98 -19.42 -3.47 -20.06
CA ASN A 98 -18.73 -2.53 -19.15
C ASN A 98 -17.48 -3.21 -18.59
N ALA A 99 -16.75 -3.93 -19.44
CA ALA A 99 -15.50 -4.61 -19.02
C ALA A 99 -14.35 -3.61 -18.93
N VAL A 100 -14.37 -2.46 -19.58
CA VAL A 100 -13.16 -1.60 -19.61
C VAL A 100 -13.23 -0.65 -18.42
N ALA A 101 -12.24 -0.70 -17.53
CA ALA A 101 -12.17 0.20 -16.38
C ALA A 101 -12.27 1.64 -16.85
N LYS A 102 -12.90 2.50 -16.05
CA LYS A 102 -13.08 3.92 -16.42
C LYS A 102 -11.71 4.61 -16.56
N SER A 103 -10.69 4.13 -15.84
CA SER A 103 -9.33 4.71 -15.86
C SER A 103 -8.53 4.30 -17.11
N CYS A 104 -9.05 3.39 -17.92
CA CYS A 104 -8.31 2.79 -19.05
C CYS A 104 -8.94 3.25 -20.38
N ALA A 105 -8.15 3.84 -21.25
CA ALA A 105 -8.64 4.28 -22.57
C ALA A 105 -8.82 3.07 -23.49
N MET A 106 -9.64 3.22 -24.50
CA MET A 106 -9.87 2.16 -25.51
C MET A 106 -9.10 2.52 -26.78
N ILE A 107 -8.43 1.51 -27.30
CA ILE A 107 -7.79 1.53 -28.64
C ILE A 107 -8.49 0.46 -29.45
N VAL A 108 -8.90 0.78 -30.67
CA VAL A 108 -9.57 -0.22 -31.53
C VAL A 108 -8.61 -0.57 -32.68
N ALA A 109 -8.41 -1.87 -32.93
CA ALA A 109 -7.65 -2.33 -34.06
C ALA A 109 -8.34 -1.90 -35.35
N ALA A 110 -7.57 -1.50 -36.33
CA ALA A 110 -8.08 -1.10 -37.65
C ALA A 110 -7.37 -1.85 -38.76
N ASP A 111 -6.76 -2.99 -38.40
CA ASP A 111 -6.02 -3.85 -39.35
C ASP A 111 -6.91 -5.02 -39.78
N ASP A 112 -6.83 -5.34 -41.07
CA ASP A 112 -7.53 -6.52 -41.66
C ASP A 112 -6.46 -7.54 -42.02
N PHE A 113 -6.33 -8.57 -41.20
CA PHE A 113 -5.31 -9.61 -41.33
C PHE A 113 -5.67 -10.54 -42.47
N ILE A 114 -4.80 -10.70 -43.44
CA ILE A 114 -5.06 -11.59 -44.60
CA ILE A 114 -5.06 -11.59 -44.60
C ILE A 114 -4.14 -12.80 -44.47
N PRO A 115 -4.70 -14.01 -44.35
CA PRO A 115 -3.87 -15.21 -44.27
C PRO A 115 -3.25 -15.51 -45.64
N GLY A 116 -2.20 -16.31 -45.61
CA GLY A 116 -1.48 -16.74 -46.81
C GLY A 116 -0.25 -17.53 -46.44
N ASN A 117 0.25 -18.36 -47.36
CA ASN A 117 1.50 -19.10 -47.11
C ASN A 117 1.44 -19.84 -45.78
N GLY A 118 0.27 -20.36 -45.40
CA GLY A 118 0.13 -21.23 -44.22
C GLY A 118 0.16 -20.48 -42.90
N ILE A 119 0.08 -19.14 -42.89
CA ILE A 119 0.08 -18.37 -41.61
C ILE A 119 -1.15 -17.47 -41.60
N PRO A 120 -1.62 -17.12 -40.40
CA PRO A 120 -2.81 -16.28 -40.29
C PRO A 120 -2.65 -14.81 -40.74
N VAL A 121 -1.44 -14.29 -40.69
CA VAL A 121 -1.19 -12.85 -41.00
C VAL A 121 -0.04 -12.76 -42.01
N ASP A 122 -0.36 -12.96 -43.27
CA ASP A 122 0.64 -12.88 -44.36
C ASP A 122 0.62 -11.50 -45.05
N ASN A 123 -0.50 -10.81 -44.97
CA ASN A 123 -0.66 -9.44 -45.51
C ASN A 123 -1.61 -8.70 -44.57
N VAL A 124 -1.50 -7.40 -44.52
CA VAL A 124 -2.38 -6.56 -43.68
C VAL A 124 -2.75 -5.33 -44.48
N VAL A 125 -4.05 -5.03 -44.52
CA VAL A 125 -4.59 -3.81 -45.13
C VAL A 125 -5.42 -3.08 -44.08
N LEU A 126 -5.79 -1.85 -44.39
CA LEU A 126 -6.71 -1.08 -43.52
C LEU A 126 -8.07 -1.74 -43.52
N ASP A 127 -8.64 -1.98 -42.34
CA ASP A 127 -9.96 -2.66 -42.18
C ASP A 127 -11.07 -1.67 -42.52
N LYS A 128 -11.70 -1.85 -43.69
CA LYS A 128 -12.79 -0.93 -44.16
C LYS A 128 -14.09 -1.13 -43.35
N LYS A 129 -14.20 -2.14 -42.51
CA LYS A 129 -15.39 -2.40 -41.66
C LYS A 129 -15.36 -1.48 -40.42
N ILE A 130 -14.21 -0.92 -40.08
CA ILE A 130 -14.13 -0.07 -38.86
C ILE A 130 -14.72 1.29 -39.20
N ASN A 131 -15.66 1.72 -38.41
CA ASN A 131 -16.31 3.05 -38.53
C ASN A 131 -15.70 3.98 -37.48
N ALA A 132 -14.72 4.76 -37.91
CA ALA A 132 -13.90 5.60 -36.99
C ALA A 132 -14.81 6.58 -36.27
N GLN A 133 -15.81 7.16 -36.95
CA GLN A 133 -16.72 8.13 -36.30
C GLN A 133 -17.48 7.42 -35.16
N ALA A 134 -17.93 6.19 -35.39
CA ALA A 134 -18.71 5.40 -34.42
C ALA A 134 -17.81 5.02 -33.24
N VAL A 135 -16.56 4.61 -33.47
CA VAL A 135 -15.74 4.21 -32.28
C VAL A 135 -15.38 5.48 -31.51
N LYS A 136 -15.17 6.62 -32.18
CA LYS A 136 -14.96 7.91 -31.46
C LYS A 136 -16.19 8.22 -30.60
N ARG A 137 -17.39 8.15 -31.19
CA ARG A 137 -18.67 8.45 -30.49
C ARG A 137 -18.76 7.64 -29.22
N ASP A 138 -18.34 6.39 -29.26
CA ASP A 138 -18.51 5.45 -28.14
C ASP A 138 -17.35 5.52 -27.16
N GLY A 139 -16.37 6.41 -27.40
CA GLY A 139 -15.37 6.72 -26.35
C GLY A 139 -13.93 6.30 -26.67
N ALA A 140 -13.68 5.60 -27.76
CA ALA A 140 -12.31 5.19 -28.16
C ALA A 140 -11.42 6.42 -28.34
N LYS A 141 -10.13 6.24 -28.05
CA LYS A 141 -9.15 7.34 -28.17
C LYS A 141 -8.17 7.12 -29.31
N ALA A 142 -8.03 5.91 -29.84
CA ALA A 142 -6.98 5.60 -30.80
C ALA A 142 -7.36 4.40 -31.67
N LEU A 143 -6.79 4.37 -32.84
CA LEU A 143 -6.80 3.15 -33.68
C LEU A 143 -5.40 2.60 -33.79
N LYS A 144 -5.29 1.33 -34.15
CA LYS A 144 -3.97 0.68 -34.28
C LYS A 144 -3.91 -0.08 -35.60
N LEU A 145 -2.79 0.03 -36.27
CA LEU A 145 -2.55 -0.63 -37.58
C LEU A 145 -1.21 -1.36 -37.53
N LEU A 146 -1.26 -2.69 -37.68
CA LEU A 146 -0.08 -3.53 -37.96
C LEU A 146 0.35 -3.29 -39.41
N VAL A 147 1.64 -3.04 -39.63
CA VAL A 147 2.24 -2.88 -40.96
C VAL A 147 3.32 -3.95 -41.13
N LEU A 148 3.11 -4.91 -42.05
CA LEU A 148 4.17 -5.91 -42.28
C LEU A 148 5.26 -5.28 -43.14
N TRP A 149 6.50 -5.45 -42.74
CA TRP A 149 7.66 -4.84 -43.41
C TRP A 149 8.50 -5.95 -44.07
N ARG A 150 8.76 -5.80 -45.37
CA ARG A 150 9.65 -6.72 -46.10
C ARG A 150 10.60 -5.89 -46.98
N SER A 151 11.87 -6.28 -47.00
CA SER A 151 12.89 -5.50 -47.72
C SER A 151 12.60 -5.47 -49.22
N ASP A 152 11.90 -6.46 -49.78
CA ASP A 152 11.72 -6.53 -51.25
C ASP A 152 10.32 -6.14 -51.66
N GLU A 153 9.53 -5.50 -50.80
CA GLU A 153 8.21 -4.97 -51.15
C GLU A 153 8.29 -3.45 -51.08
N ASP A 154 7.52 -2.78 -51.93
CA ASP A 154 7.58 -1.32 -52.14
C ASP A 154 7.32 -0.54 -50.83
N ALA A 155 8.29 0.24 -50.41
CA ALA A 155 8.16 1.12 -49.22
C ALA A 155 7.03 2.12 -49.44
N GLN A 156 6.82 2.64 -50.65
CA GLN A 156 5.84 3.72 -50.83
C GLN A 156 4.42 3.18 -50.59
N GLN A 157 4.13 1.92 -50.90
CA GLN A 157 2.81 1.31 -50.63
C GLN A 157 2.57 1.27 -49.11
N ARG A 158 3.59 0.98 -48.32
CA ARG A 158 3.43 0.96 -46.83
C ARG A 158 3.20 2.39 -46.35
N LEU A 159 4.03 3.33 -46.82
CA LEU A 159 3.87 4.74 -46.43
C LEU A 159 2.48 5.25 -46.82
N ASN A 160 1.97 4.93 -47.99
CA ASN A 160 0.63 5.40 -48.47
C ASN A 160 -0.47 4.84 -47.57
N MET A 161 -0.33 3.60 -47.13
CA MET A 161 -1.30 2.98 -46.21
C MET A 161 -1.25 3.73 -44.86
N VAL A 162 -0.05 4.01 -44.35
CA VAL A 162 0.12 4.74 -43.06
C VAL A 162 -0.46 6.15 -43.20
N LYS A 163 -0.24 6.81 -44.33
CA LYS A 163 -0.81 8.18 -44.58
C LYS A 163 -2.34 8.12 -44.53
N GLU A 164 -2.96 7.17 -45.22
CA GLU A 164 -4.42 7.01 -45.24
C GLU A 164 -4.94 6.76 -43.81
N PHE A 165 -4.22 5.92 -43.06
CA PHE A 165 -4.56 5.58 -41.68
C PHE A 165 -4.48 6.82 -40.78
N ASN A 166 -3.38 7.58 -40.88
CA ASN A 166 -3.21 8.80 -40.06
C ASN A 166 -4.39 9.75 -40.33
N GLU A 167 -4.81 9.85 -41.58
CA GLU A 167 -5.92 10.76 -41.93
C GLU A 167 -7.24 10.24 -41.37
N LEU A 168 -7.49 8.94 -41.49
CA LEU A 168 -8.67 8.29 -40.89
C LEU A 168 -8.74 8.61 -39.40
N CYS A 169 -7.62 8.45 -38.69
CA CYS A 169 -7.55 8.70 -37.25
C CYS A 169 -7.78 10.20 -36.94
N HIS A 170 -6.88 11.03 -37.48
CA HIS A 170 -6.80 12.45 -37.06
C HIS A 170 -8.09 13.19 -37.47
N SER A 171 -8.64 12.87 -38.63
CA SER A 171 -9.89 13.56 -39.09
C SER A 171 -11.06 13.23 -38.17
N ASN A 172 -10.98 12.16 -37.39
CA ASN A 172 -12.03 11.71 -36.47
C ASN A 172 -11.66 11.93 -35.01
N GLY A 173 -10.57 12.67 -34.75
CA GLY A 173 -10.19 12.96 -33.35
C GLY A 173 -9.61 11.77 -32.62
N LEU A 174 -9.01 10.85 -33.39
CA LEU A 174 -8.37 9.64 -32.82
C LEU A 174 -6.85 9.76 -32.99
N LEU A 175 -6.12 9.12 -32.08
CA LEU A 175 -4.68 8.93 -32.25
C LEU A 175 -4.44 7.76 -33.21
N SER A 176 -3.30 7.83 -33.88
CA SER A 176 -2.80 6.78 -34.79
CA SER A 176 -2.80 6.78 -34.79
C SER A 176 -1.65 6.03 -34.12
N ILE A 177 -1.80 4.72 -33.97
CA ILE A 177 -0.73 3.82 -33.46
C ILE A 177 -0.36 2.90 -34.61
N ILE A 178 0.91 2.92 -35.00
CA ILE A 178 1.39 1.98 -36.05
C ILE A 178 2.27 0.93 -35.40
N GLU A 179 2.23 -0.27 -35.97
CA GLU A 179 2.98 -1.43 -35.42
C GLU A 179 3.71 -2.09 -36.58
N PRO A 180 4.89 -1.62 -37.01
CA PRO A 180 5.63 -2.28 -38.04
C PRO A 180 6.20 -3.59 -37.47
N VAL A 181 6.04 -4.66 -38.22
CA VAL A 181 6.49 -6.01 -37.85
C VAL A 181 7.31 -6.55 -39.03
N VAL A 182 8.53 -6.96 -38.78
CA VAL A 182 9.44 -7.35 -39.87
C VAL A 182 9.20 -8.81 -40.26
N ARG A 183 9.29 -9.06 -41.55
CA ARG A 183 9.15 -10.42 -42.12
C ARG A 183 10.25 -10.65 -43.13
N PRO A 184 10.63 -11.93 -43.34
CA PRO A 184 11.59 -12.20 -44.40
C PRO A 184 11.09 -11.75 -45.76
N PRO A 185 12.01 -11.50 -46.69
CA PRO A 185 11.62 -11.06 -48.02
C PRO A 185 10.76 -12.12 -48.73
N ARG A 186 9.91 -11.68 -49.65
CA ARG A 186 9.11 -12.60 -50.47
C ARG A 186 10.04 -13.51 -51.26
N CYS A 187 11.15 -12.97 -51.74
CA CYS A 187 12.17 -13.71 -52.53
CA CYS A 187 12.17 -13.71 -52.53
C CYS A 187 13.55 -13.44 -51.93
N GLY A 188 14.30 -14.47 -51.63
CA GLY A 188 15.64 -14.33 -51.03
C GLY A 188 15.68 -14.92 -49.66
N ASP A 189 16.87 -15.01 -49.11
CA ASP A 189 17.16 -15.63 -47.81
C ASP A 189 18.07 -14.69 -47.00
N LYS A 190 18.23 -13.46 -47.47
CA LYS A 190 18.99 -12.38 -46.79
C LYS A 190 17.99 -11.76 -45.82
N PHE A 191 17.94 -12.31 -44.60
CA PHE A 191 17.04 -11.83 -43.53
C PHE A 191 17.77 -11.80 -42.18
N ASP A 192 18.03 -10.58 -41.77
CA ASP A 192 18.57 -10.21 -40.45
C ASP A 192 17.45 -9.44 -39.75
N ARG A 193 16.77 -10.08 -38.82
CA ARG A 193 15.60 -9.51 -38.10
C ARG A 193 16.05 -8.21 -37.42
N GLU A 194 17.27 -8.15 -36.88
CA GLU A 194 17.72 -6.97 -36.13
C GLU A 194 17.90 -5.78 -37.08
N GLN A 195 18.51 -6.01 -38.23
CA GLN A 195 18.66 -4.95 -39.26
C GLN A 195 17.28 -4.56 -39.81
N ALA A 196 16.37 -5.53 -39.99
CA ALA A 196 15.05 -5.18 -40.55
C ALA A 196 14.29 -4.26 -39.59
N ILE A 197 14.38 -4.48 -38.28
CA ILE A 197 13.67 -3.62 -37.29
C ILE A 197 14.17 -2.20 -37.48
N ILE A 198 15.49 -2.03 -37.61
CA ILE A 198 16.10 -0.70 -37.84
C ILE A 198 15.60 -0.12 -39.16
N ASP A 199 15.62 -0.92 -40.22
CA ASP A 199 15.22 -0.45 -41.57
C ASP A 199 13.74 -0.04 -41.60
N ALA A 200 12.88 -0.76 -40.90
CA ALA A 200 11.46 -0.41 -40.81
C ALA A 200 11.32 0.95 -40.10
N ALA A 201 12.09 1.18 -39.06
CA ALA A 201 12.04 2.46 -38.31
C ALA A 201 12.61 3.58 -39.19
N LYS A 202 13.64 3.32 -39.98
CA LYS A 202 14.16 4.37 -40.91
C LYS A 202 13.05 4.78 -41.84
N GLU A 203 12.25 3.82 -42.28
CA GLU A 203 11.18 4.06 -43.26
C GLU A 203 9.96 4.74 -42.62
N LEU A 204 9.52 4.24 -41.47
CA LEU A 204 8.19 4.58 -40.92
C LEU A 204 8.29 5.42 -39.64
N GLY A 205 9.50 5.64 -39.11
CA GLY A 205 9.67 6.27 -37.80
C GLY A 205 9.34 7.75 -37.79
N ASP A 206 9.21 8.37 -38.97
CA ASP A 206 8.78 9.79 -39.08
C ASP A 206 7.58 9.91 -40.02
N SER A 207 6.59 9.01 -39.89
CA SER A 207 5.47 8.87 -40.83
C SER A 207 4.22 9.65 -40.39
N GLY A 208 4.27 10.39 -39.29
CA GLY A 208 3.15 11.25 -38.87
C GLY A 208 2.16 10.55 -37.96
N ALA A 209 2.43 9.30 -37.59
CA ALA A 209 1.63 8.59 -36.59
C ALA A 209 1.89 9.21 -35.21
N ASP A 210 1.07 8.92 -34.24
CA ASP A 210 1.25 9.48 -32.86
C ASP A 210 2.11 8.56 -32.00
N LEU A 211 2.19 7.28 -32.33
CA LEU A 211 2.86 6.31 -31.47
C LEU A 211 3.37 5.17 -32.34
N TYR A 212 4.59 4.70 -32.07
CA TYR A 212 5.24 3.60 -32.80
C TYR A 212 5.35 2.40 -31.85
N LYS A 213 4.69 1.29 -32.21
CA LYS A 213 4.73 0.02 -31.41
C LYS A 213 5.72 -0.89 -32.14
N VAL A 214 6.82 -1.24 -31.46
CA VAL A 214 7.96 -1.92 -32.12
C VAL A 214 8.34 -3.20 -31.41
N GLU A 215 8.86 -4.13 -32.20
CA GLU A 215 9.48 -5.35 -31.71
C GLU A 215 10.73 -5.05 -30.90
N MET A 216 10.92 -5.79 -29.83
CA MET A 216 12.12 -5.59 -28.98
C MET A 216 13.33 -6.22 -29.67
N PRO A 217 14.42 -5.43 -29.87
CA PRO A 217 15.66 -6.05 -30.33
C PRO A 217 16.10 -7.28 -29.52
N LEU A 218 16.56 -8.27 -30.24
CA LEU A 218 17.23 -9.49 -29.73
C LEU A 218 16.27 -10.30 -28.86
N TYR A 219 14.97 -10.12 -29.05
CA TYR A 219 13.91 -10.80 -28.26
C TYR A 219 14.12 -10.55 -26.76
N GLY A 220 14.81 -9.45 -26.40
CA GLY A 220 15.03 -9.16 -24.97
C GLY A 220 16.05 -10.11 -24.31
N LYS A 221 16.77 -10.91 -25.11
CA LYS A 221 17.70 -11.92 -24.57
C LYS A 221 19.10 -11.34 -24.42
N GLY A 222 19.87 -11.99 -23.54
CA GLY A 222 21.32 -11.75 -23.49
C GLY A 222 21.72 -10.61 -22.59
N ALA A 223 22.86 -10.00 -22.88
CA ALA A 223 23.43 -9.00 -21.99
C ALA A 223 22.70 -7.67 -22.14
N ARG A 224 22.51 -6.99 -21.02
CA ARG A 224 21.89 -5.64 -21.01
C ARG A 224 22.68 -4.71 -21.90
N SER A 225 24.04 -4.75 -21.91
CA SER A 225 24.82 -3.84 -22.78
C SER A 225 24.43 -3.98 -24.25
N ASP A 226 24.22 -5.20 -24.75
CA ASP A 226 23.81 -5.40 -26.16
C ASP A 226 22.38 -4.90 -26.36
N LEU A 227 21.50 -5.18 -25.41
CA LEU A 227 20.08 -4.73 -25.56
C LEU A 227 20.01 -3.20 -25.54
N LEU A 228 20.87 -2.53 -24.74
CA LEU A 228 20.83 -1.06 -24.63
C LEU A 228 21.38 -0.49 -25.93
N THR A 229 22.51 -1.00 -26.44
CA THR A 229 23.06 -0.51 -27.72
C THR A 229 22.00 -0.64 -28.82
N ALA A 230 21.35 -1.80 -28.91
CA ALA A 230 20.32 -2.04 -29.96
C ALA A 230 19.13 -1.11 -29.80
N SER A 231 18.71 -0.85 -28.56
CA SER A 231 17.57 0.03 -28.25
C SER A 231 17.94 1.48 -28.51
N GLN A 232 19.19 1.90 -28.24
CA GLN A 232 19.63 3.29 -28.56
C GLN A 232 19.66 3.51 -30.06
N ARG A 233 20.13 2.49 -30.79
CA ARG A 233 20.20 2.54 -32.25
C ARG A 233 18.79 2.74 -32.78
N LEU A 234 17.84 1.94 -32.24
CA LEU A 234 16.45 2.01 -32.69
C LEU A 234 15.85 3.39 -32.37
N ASN A 235 16.06 3.87 -31.16
CA ASN A 235 15.57 5.19 -30.70
C ASN A 235 15.88 6.28 -31.72
N GLY A 236 17.09 6.27 -32.24
CA GLY A 236 17.59 7.31 -33.15
C GLY A 236 16.78 7.42 -34.42
N HIS A 237 16.00 6.39 -34.77
CA HIS A 237 15.23 6.36 -36.03
C HIS A 237 13.74 6.60 -35.79
N ILE A 238 13.31 6.86 -34.55
CA ILE A 238 11.86 7.00 -34.30
C ILE A 238 11.60 8.42 -33.78
N ASN A 239 10.86 9.19 -34.54
CA ASN A 239 10.64 10.63 -34.28
C ASN A 239 9.22 10.87 -33.78
N MET A 240 8.73 9.95 -32.98
CA MET A 240 7.42 9.97 -32.28
C MET A 240 7.69 9.15 -31.04
N PRO A 241 6.81 9.17 -30.04
CA PRO A 241 6.97 8.28 -28.90
C PRO A 241 6.90 6.84 -29.39
N TRP A 242 7.63 5.97 -28.68
CA TRP A 242 7.65 4.54 -29.04
C TRP A 242 7.52 3.65 -27.82
N VAL A 243 6.88 2.52 -28.05
CA VAL A 243 6.63 1.51 -26.99
C VAL A 243 7.02 0.15 -27.55
N ILE A 244 7.37 -0.78 -26.68
CA ILE A 244 7.72 -2.15 -27.12
C ILE A 244 6.52 -3.09 -26.93
N LEU A 245 6.44 -4.05 -27.85
CA LEU A 245 5.49 -5.15 -27.81
C LEU A 245 6.21 -6.40 -27.29
N SER A 246 5.45 -7.37 -26.83
CA SER A 246 6.00 -8.54 -26.12
C SER A 246 6.15 -9.77 -27.01
N SER A 247 5.55 -9.87 -28.20
CA SER A 247 5.68 -11.09 -29.04
C SER A 247 7.16 -11.43 -29.19
N GLY A 248 7.48 -12.67 -28.92
CA GLY A 248 8.84 -13.20 -29.04
C GLY A 248 9.71 -12.95 -27.82
N VAL A 249 9.22 -12.22 -26.80
CA VAL A 249 10.02 -11.97 -25.57
C VAL A 249 9.46 -12.85 -24.47
N ASP A 250 10.30 -13.67 -23.84
CA ASP A 250 9.86 -14.43 -22.67
C ASP A 250 9.20 -13.49 -21.68
N GLU A 251 8.08 -13.89 -21.07
CA GLU A 251 7.39 -13.06 -20.07
C GLU A 251 8.33 -12.67 -18.93
N LYS A 252 9.31 -13.52 -18.61
CA LYS A 252 10.23 -13.21 -17.49
C LYS A 252 11.28 -12.19 -17.90
N LEU A 253 11.52 -12.02 -19.20
CA LEU A 253 12.53 -11.04 -19.70
C LEU A 253 11.87 -9.70 -20.09
N PHE A 254 10.55 -9.65 -20.12
CA PHE A 254 9.88 -8.44 -20.64
C PHE A 254 10.04 -7.27 -19.70
N PRO A 255 10.05 -7.42 -18.36
CA PRO A 255 10.27 -6.25 -17.48
C PRO A 255 11.65 -5.60 -17.74
N ARG A 256 12.70 -6.42 -17.90
CA ARG A 256 14.04 -5.89 -18.19
C ARG A 256 13.99 -5.22 -19.57
N ALA A 257 13.29 -5.81 -20.53
CA ALA A 257 13.20 -5.23 -21.89
C ALA A 257 12.58 -3.81 -21.80
N VAL A 258 11.50 -3.65 -21.04
CA VAL A 258 10.87 -2.32 -20.84
C VAL A 258 11.90 -1.36 -20.20
N ARG A 259 12.60 -1.80 -19.17
CA ARG A 259 13.61 -0.95 -18.50
C ARG A 259 14.68 -0.50 -19.51
N VAL A 260 15.17 -1.41 -20.31
CA VAL A 260 16.28 -1.09 -21.25
C VAL A 260 15.74 -0.18 -22.37
N ALA A 261 14.62 -0.56 -22.95
CA ALA A 261 14.04 0.23 -24.03
C ALA A 261 13.79 1.66 -23.56
N MET A 262 13.27 1.80 -22.35
CA MET A 262 12.96 3.15 -21.82
C MET A 262 14.26 3.92 -21.53
N GLU A 263 15.28 3.23 -21.02
CA GLU A 263 16.61 3.87 -20.82
C GLU A 263 17.10 4.44 -22.16
N ALA A 264 16.81 3.76 -23.28
CA ALA A 264 17.18 4.18 -24.63
C ALA A 264 16.27 5.28 -25.20
N GLY A 265 15.11 5.55 -24.58
CA GLY A 265 14.22 6.61 -25.09
C GLY A 265 12.78 6.14 -25.30
N ALA A 266 12.51 4.86 -25.24
CA ALA A 266 11.09 4.40 -25.32
C ALA A 266 10.28 5.03 -24.19
N SER A 267 8.95 5.02 -24.33
CA SER A 267 8.02 5.60 -23.34
C SER A 267 7.11 4.57 -22.70
N GLY A 268 7.35 3.27 -22.94
CA GLY A 268 6.58 2.23 -22.27
C GLY A 268 6.35 1.02 -23.14
N PHE A 269 5.17 0.40 -22.98
CA PHE A 269 4.88 -0.91 -23.60
C PHE A 269 3.40 -0.95 -24.04
N LEU A 270 3.17 -1.76 -25.07
CA LEU A 270 1.79 -2.14 -25.47
C LEU A 270 1.89 -3.66 -25.67
N ALA A 271 1.44 -4.41 -24.67
CA ALA A 271 1.79 -5.85 -24.55
C ALA A 271 0.57 -6.71 -24.26
N GLY A 272 0.65 -7.92 -24.78
CA GLY A 272 -0.42 -8.92 -24.56
C GLY A 272 0.20 -10.17 -24.01
N ARG A 273 0.89 -10.92 -24.85
CA ARG A 273 1.37 -12.27 -24.46
C ARG A 273 2.14 -12.24 -23.13
N ALA A 274 3.05 -11.27 -22.92
CA ALA A 274 3.88 -11.32 -21.70
C ALA A 274 3.00 -11.08 -20.46
N VAL A 275 1.79 -10.57 -20.63
CA VAL A 275 0.84 -10.37 -19.50
C VAL A 275 -0.05 -11.62 -19.33
N TRP A 276 -0.69 -12.14 -20.37
CA TRP A 276 -1.78 -13.16 -20.16
C TRP A 276 -1.55 -14.52 -20.83
N SER A 277 -0.55 -14.75 -21.66
CA SER A 277 -0.41 -16.02 -22.41
CA SER A 277 -0.42 -16.02 -22.41
C SER A 277 -0.36 -17.21 -21.45
N SER A 278 0.31 -17.07 -20.31
CA SER A 278 0.59 -18.24 -19.45
C SER A 278 -0.69 -18.79 -18.81
N VAL A 279 -1.78 -18.04 -18.76
CA VAL A 279 -3.01 -18.56 -18.07
C VAL A 279 -3.92 -19.29 -19.07
N ILE A 280 -3.62 -19.28 -20.36
CA ILE A 280 -4.45 -20.02 -21.34
C ILE A 280 -4.35 -21.51 -21.01
N GLY A 281 -5.49 -22.15 -20.80
CA GLY A 281 -5.51 -23.59 -20.52
C GLY A 281 -5.62 -23.90 -19.05
N LEU A 282 -5.42 -22.91 -18.15
CA LEU A 282 -5.53 -23.19 -16.70
C LEU A 282 -7.00 -23.23 -16.29
N PRO A 283 -7.33 -23.91 -15.18
CA PRO A 283 -8.65 -23.80 -14.60
C PRO A 283 -8.85 -22.39 -14.03
N ASP A 284 -10.10 -21.97 -13.85
CA ASP A 284 -10.46 -20.76 -13.08
C ASP A 284 -9.79 -19.56 -13.77
N THR A 285 -10.14 -19.32 -15.01
CA THR A 285 -9.48 -18.28 -15.84
C THR A 285 -9.48 -16.92 -15.12
N GLU A 286 -10.59 -16.46 -14.57
CA GLU A 286 -10.68 -15.14 -13.91
C GLU A 286 -9.77 -15.08 -12.68
N LEU A 287 -9.72 -16.12 -11.85
CA LEU A 287 -8.77 -16.10 -10.70
C LEU A 287 -7.35 -16.01 -11.27
N MET A 288 -7.05 -16.76 -12.32
CA MET A 288 -5.67 -16.79 -12.88
C MET A 288 -5.33 -15.41 -13.46
N LEU A 289 -6.24 -14.77 -14.18
CA LEU A 289 -5.94 -13.41 -14.67
C LEU A 289 -5.68 -12.45 -13.51
N ARG A 290 -6.37 -12.59 -12.38
CA ARG A 290 -6.19 -11.68 -11.24
C ARG A 290 -4.87 -12.02 -10.53
N ASP A 291 -4.55 -13.31 -10.38
CA ASP A 291 -3.44 -13.68 -9.49
C ASP A 291 -2.12 -13.87 -10.23
N VAL A 292 -2.15 -14.19 -11.51
CA VAL A 292 -0.93 -14.54 -12.28
C VAL A 292 -0.69 -13.37 -13.24
N SER A 293 -1.67 -12.99 -14.06
CA SER A 293 -1.48 -11.96 -15.10
C SER A 293 -1.39 -10.56 -14.47
N ALA A 294 -2.29 -10.21 -13.55
CA ALA A 294 -2.40 -8.83 -13.05
C ALA A 294 -1.08 -8.39 -12.39
N PRO A 295 -0.45 -9.21 -11.52
CA PRO A 295 0.81 -8.75 -10.90
C PRO A 295 1.90 -8.44 -11.92
N LYS A 296 1.94 -9.18 -13.02
CA LYS A 296 2.90 -8.93 -14.12
C LYS A 296 2.60 -7.54 -14.70
N LEU A 297 1.36 -7.25 -15.03
CA LEU A 297 1.00 -5.95 -15.64
C LEU A 297 1.26 -4.82 -14.65
N GLN A 298 0.94 -5.03 -13.36
CA GLN A 298 1.18 -4.01 -12.32
C GLN A 298 2.68 -3.69 -12.26
N ARG A 299 3.54 -4.73 -12.26
CA ARG A 299 5.00 -4.46 -12.18
C ARG A 299 5.45 -3.68 -13.38
N LEU A 300 4.96 -4.02 -14.58
CA LEU A 300 5.41 -3.28 -15.80
C LEU A 300 5.01 -1.81 -15.64
N GLY A 301 3.80 -1.53 -15.13
CA GLY A 301 3.32 -0.14 -14.89
C GLY A 301 4.25 0.61 -13.92
N GLU A 302 4.67 -0.08 -12.87
CA GLU A 302 5.58 0.51 -11.87
C GLU A 302 6.93 0.85 -12.52
N ILE A 303 7.44 -0.04 -13.36
CA ILE A 303 8.70 0.20 -14.09
C ILE A 303 8.53 1.42 -14.96
N VAL A 304 7.43 1.52 -15.69
CA VAL A 304 7.22 2.68 -16.58
C VAL A 304 7.29 3.98 -15.77
N ASP A 305 6.63 4.05 -14.62
CA ASP A 305 6.66 5.27 -13.79
C ASP A 305 8.09 5.50 -13.30
N GLU A 306 8.77 4.44 -12.86
CA GLU A 306 10.16 4.63 -12.33
C GLU A 306 11.06 5.22 -13.43
N MET A 307 10.94 4.75 -14.66
CA MET A 307 11.77 5.24 -15.77
C MET A 307 11.35 6.67 -16.17
N MET A 308 10.07 6.99 -16.20
CA MET A 308 9.60 8.35 -16.53
C MET A 308 10.09 9.34 -15.45
N ALA A 309 10.24 8.89 -14.21
CA ALA A 309 10.64 9.77 -13.08
C ALA A 309 12.09 10.21 -13.29
N LYS A 310 12.89 9.46 -14.05
CA LYS A 310 14.32 9.80 -14.34
C LYS A 310 14.43 10.89 -15.41
N ARG A 311 13.34 11.28 -16.07
CA ARG A 311 13.36 12.37 -17.10
C ARG A 311 13.08 13.73 -16.46
N MET B 21 11.61 -16.48 30.98
CA MET B 21 11.77 -16.57 29.48
C MET B 21 10.56 -15.95 28.75
N ASN B 22 10.80 -14.85 28.03
CA ASN B 22 9.81 -14.20 27.13
C ASN B 22 9.88 -14.85 25.74
N ASN B 23 9.14 -15.94 25.57
CA ASN B 23 9.21 -16.72 24.31
C ASN B 23 8.54 -15.93 23.19
N TYR B 24 9.00 -16.13 21.96
CA TYR B 24 8.28 -15.59 20.78
C TYR B 24 6.94 -16.28 20.68
N THR B 25 6.03 -15.64 19.96
CA THR B 25 4.66 -16.15 19.68
C THR B 25 4.44 -16.19 18.18
N ILE B 26 3.43 -16.88 17.70
CA ILE B 26 3.26 -17.02 16.22
C ILE B 26 3.04 -15.64 15.62
N LYS B 27 2.52 -14.66 16.38
CA LYS B 27 2.33 -13.30 15.81
C LYS B 27 3.70 -12.71 15.38
N ASP B 28 4.80 -13.16 15.96
CA ASP B 28 6.13 -12.61 15.63
C ASP B 28 6.58 -13.00 14.21
N ILE B 29 5.94 -13.96 13.56
CA ILE B 29 6.33 -14.37 12.18
C ILE B 29 5.17 -14.15 11.19
N THR B 30 4.09 -13.48 11.59
CA THR B 30 2.93 -13.19 10.73
C THR B 30 2.94 -11.73 10.28
N ARG B 31 2.18 -11.46 9.22
CA ARG B 31 1.80 -10.08 8.87
C ARG B 31 1.01 -9.48 10.02
N ALA B 32 0.80 -8.16 10.03
CA ALA B 32 0.02 -7.52 11.11
C ALA B 32 -1.38 -8.16 11.23
N SER B 33 -1.96 -8.63 10.12
CA SER B 33 -3.30 -9.30 10.03
C SER B 33 -3.31 -10.60 10.83
N GLY B 34 -2.16 -11.20 11.06
CA GLY B 34 -2.07 -12.55 11.64
C GLY B 34 -1.93 -13.64 10.59
N GLY B 35 -1.93 -13.30 9.30
CA GLY B 35 -1.65 -14.33 8.28
C GLY B 35 -0.16 -14.53 8.10
N PHE B 36 0.24 -15.74 7.71
CA PHE B 36 1.65 -16.08 7.42
C PHE B 36 1.91 -15.87 5.92
N ALA B 37 2.92 -15.09 5.61
CA ALA B 37 3.35 -14.84 4.22
C ALA B 37 4.85 -15.00 4.18
N MET B 38 5.28 -16.28 4.21
CA MET B 38 6.68 -16.55 4.58
C MET B 38 7.46 -17.17 3.38
N LEU B 39 8.71 -16.78 3.27
CA LEU B 39 9.62 -17.11 2.15
C LEU B 39 10.62 -18.15 2.60
N ALA B 40 10.77 -19.22 1.82
CA ALA B 40 11.78 -20.28 2.08
C ALA B 40 12.91 -20.12 1.06
N VAL B 41 14.14 -19.98 1.53
CA VAL B 41 15.32 -20.02 0.63
C VAL B 41 16.33 -21.01 1.23
N ASP B 42 15.90 -21.99 2.02
CA ASP B 42 16.81 -22.89 2.76
C ASP B 42 17.13 -24.16 1.97
N GLN B 43 16.75 -24.26 0.70
CA GLN B 43 16.97 -25.47 -0.10
C GLN B 43 18.48 -25.66 -0.30
N ARG B 44 18.95 -26.91 -0.18
CA ARG B 44 20.40 -27.17 -0.15
C ARG B 44 20.82 -27.88 -1.45
N GLU B 45 21.15 -29.16 -1.42
CA GLU B 45 21.56 -29.85 -2.66
C GLU B 45 20.43 -29.83 -3.69
N ALA B 46 19.16 -29.84 -3.26
CA ALA B 46 18.03 -29.65 -4.18
C ALA B 46 18.19 -28.37 -5.00
N MET B 47 18.68 -27.29 -4.40
CA MET B 47 18.84 -26.00 -5.16
C MET B 47 20.02 -26.16 -6.14
N ARG B 48 21.08 -26.84 -5.74
CA ARG B 48 22.22 -27.08 -6.67
C ARG B 48 21.72 -27.82 -7.92
N LEU B 49 20.84 -28.80 -7.75
CA LEU B 49 20.28 -29.59 -8.88
C LEU B 49 19.40 -28.67 -9.74
N MET B 50 18.70 -27.71 -9.17
CA MET B 50 17.88 -26.76 -9.93
C MET B 50 18.79 -25.91 -10.83
N PHE B 51 19.93 -25.45 -10.33
CA PHE B 51 20.88 -24.64 -11.13
C PHE B 51 21.41 -25.48 -12.31
N ALA B 52 21.83 -26.71 -12.02
CA ALA B 52 22.31 -27.63 -13.09
C ALA B 52 21.23 -27.83 -14.15
N ALA B 53 20.01 -28.14 -13.74
CA ALA B 53 18.85 -28.38 -14.62
C ALA B 53 18.55 -27.15 -15.49
N ALA B 54 18.79 -25.93 -14.97
CA ALA B 54 18.48 -24.65 -15.67
C ALA B 54 19.64 -24.24 -16.59
N GLY B 55 20.74 -24.99 -16.62
CA GLY B 55 21.82 -24.83 -17.61
C GLY B 55 23.02 -24.07 -17.08
N ALA B 56 23.14 -23.92 -15.76
CA ALA B 56 24.31 -23.26 -15.14
C ALA B 56 25.54 -24.12 -15.44
N LYS B 57 26.73 -23.52 -15.44
CA LYS B 57 28.04 -24.24 -15.47
C LYS B 57 28.06 -25.28 -14.35
N THR B 58 28.43 -26.52 -14.70
CA THR B 58 28.57 -27.64 -13.72
C THR B 58 30.06 -27.98 -13.63
N PRO B 59 30.55 -28.42 -12.45
CA PRO B 59 29.73 -28.53 -11.24
C PRO B 59 29.44 -27.12 -10.69
N VAL B 60 28.27 -26.97 -10.09
CA VAL B 60 27.78 -25.68 -9.54
C VAL B 60 28.48 -25.42 -8.21
N ALA B 61 29.19 -24.29 -8.10
CA ALA B 61 29.95 -23.93 -6.88
C ALA B 61 28.99 -23.55 -5.74
N ASP B 62 29.40 -23.75 -4.51
CA ASP B 62 28.61 -23.34 -3.32
C ASP B 62 28.29 -21.85 -3.42
N SER B 63 29.19 -21.00 -3.94
CA SER B 63 28.99 -19.55 -3.94
C SER B 63 27.78 -19.18 -4.81
N VAL B 64 27.46 -19.98 -5.82
CA VAL B 64 26.29 -19.71 -6.69
C VAL B 64 25.03 -19.80 -5.82
N LEU B 65 25.00 -20.80 -4.94
CA LEU B 65 23.83 -20.99 -4.04
C LEU B 65 23.80 -19.86 -3.00
N THR B 66 24.92 -19.60 -2.33
CA THR B 66 25.00 -18.52 -1.32
C THR B 66 24.57 -17.19 -1.93
N ASP B 67 25.12 -16.84 -3.09
CA ASP B 67 24.84 -15.53 -3.72
C ASP B 67 23.36 -15.41 -4.07
N PHE B 68 22.77 -16.47 -4.64
CA PHE B 68 21.33 -16.47 -5.00
C PHE B 68 20.48 -16.34 -3.73
N LYS B 69 20.79 -17.09 -2.69
CA LYS B 69 20.01 -17.07 -1.44
C LYS B 69 20.07 -15.69 -0.81
N VAL B 70 21.28 -15.12 -0.69
CA VAL B 70 21.42 -13.78 -0.07
C VAL B 70 20.69 -12.75 -0.93
N ASN B 71 20.83 -12.80 -2.25
CA ASN B 71 20.12 -11.86 -3.15
C ASN B 71 18.61 -12.04 -2.96
N ALA B 72 18.14 -13.27 -2.89
CA ALA B 72 16.70 -13.55 -2.71
C ALA B 72 16.26 -12.94 -1.38
N ALA B 73 16.98 -13.19 -0.29
CA ALA B 73 16.62 -12.59 1.01
C ALA B 73 16.61 -11.07 0.91
N LYS B 74 17.63 -10.48 0.32
CA LYS B 74 17.76 -8.99 0.27
C LYS B 74 16.57 -8.39 -0.48
N ILE B 75 16.22 -8.96 -1.61
CA ILE B 75 15.25 -8.34 -2.55
C ILE B 75 13.82 -8.73 -2.16
N LEU B 76 13.61 -9.93 -1.62
CA LEU B 76 12.24 -10.45 -1.37
C LEU B 76 11.83 -10.33 0.09
N SER B 77 12.76 -10.34 1.05
CA SER B 77 12.34 -10.27 2.48
C SER B 77 11.52 -9.01 2.78
N PRO B 78 11.63 -7.86 2.07
CA PRO B 78 10.72 -6.76 2.37
C PRO B 78 9.23 -7.11 2.19
N TYR B 79 8.93 -8.16 1.46
CA TYR B 79 7.56 -8.56 1.09
C TYR B 79 7.08 -9.74 1.93
N ALA B 80 7.94 -10.25 2.82
CA ALA B 80 7.66 -11.47 3.60
C ALA B 80 7.56 -11.17 5.09
N SER B 81 6.69 -11.92 5.79
CA SER B 81 6.59 -11.77 7.26
C SER B 81 7.73 -12.54 7.94
N ALA B 82 8.25 -13.56 7.27
CA ALA B 82 9.40 -14.33 7.79
C ALA B 82 10.17 -14.90 6.60
N VAL B 83 11.45 -15.14 6.80
CA VAL B 83 12.28 -15.83 5.79
C VAL B 83 12.99 -17.00 6.48
N LEU B 84 13.04 -18.13 5.78
CA LEU B 84 13.65 -19.39 6.26
C LEU B 84 15.00 -19.58 5.56
N LEU B 85 16.06 -19.62 6.38
CA LEU B 85 17.47 -19.63 5.96
C LEU B 85 18.15 -20.89 6.49
N ASP B 86 19.08 -21.43 5.72
CA ASP B 86 19.90 -22.58 6.18
C ASP B 86 21.31 -22.11 6.57
N GLN B 87 21.87 -22.74 7.59
CA GLN B 87 23.28 -22.45 7.96
C GLN B 87 24.27 -22.95 6.90
N GLN B 88 23.97 -24.02 6.17
CA GLN B 88 24.91 -24.59 5.20
C GLN B 88 25.37 -23.51 4.22
N PHE B 89 24.44 -22.71 3.65
CA PHE B 89 24.79 -21.82 2.53
C PHE B 89 24.56 -20.33 2.83
N CYS B 90 23.70 -19.90 3.76
CA CYS B 90 23.32 -18.47 3.74
C CYS B 90 22.95 -17.82 5.06
N TYR B 91 22.76 -18.52 6.19
CA TYR B 91 22.32 -17.84 7.41
C TYR B 91 23.36 -16.79 7.84
N ARG B 92 24.59 -17.20 8.04
CA ARG B 92 25.64 -16.29 8.58
C ARG B 92 25.84 -15.12 7.61
N GLN B 93 25.86 -15.38 6.30
CA GLN B 93 26.06 -14.37 5.26
C GLN B 93 24.90 -13.37 5.31
N ALA B 94 23.65 -13.86 5.41
CA ALA B 94 22.48 -12.96 5.41
C ALA B 94 22.54 -12.06 6.65
N VAL B 95 22.93 -12.62 7.79
CA VAL B 95 23.02 -11.83 9.05
C VAL B 95 24.12 -10.78 8.88
N GLU B 96 25.32 -11.22 8.48
CA GLU B 96 26.51 -10.33 8.40
C GLU B 96 26.24 -9.19 7.41
N GLN B 97 25.49 -9.46 6.34
CA GLN B 97 25.28 -8.49 5.23
C GLN B 97 23.99 -7.71 5.43
N ASN B 98 23.29 -7.92 6.55
CA ASN B 98 22.00 -7.23 6.86
C ASN B 98 21.05 -7.40 5.68
N ALA B 99 20.99 -8.60 5.09
CA ALA B 99 20.10 -8.87 3.95
C ALA B 99 18.64 -8.99 4.35
N VAL B 100 18.31 -9.32 5.58
CA VAL B 100 16.89 -9.58 5.96
C VAL B 100 16.27 -8.25 6.38
N ALA B 101 15.21 -7.85 5.71
CA ALA B 101 14.51 -6.59 6.01
C ALA B 101 14.12 -6.63 7.49
N LYS B 102 14.12 -5.47 8.16
CA LYS B 102 13.82 -5.42 9.61
C LYS B 102 12.37 -5.82 9.86
N SER B 103 11.51 -5.68 8.86
CA SER B 103 10.08 -6.08 8.90
C SER B 103 9.88 -7.59 8.79
N CYS B 104 10.93 -8.36 8.51
CA CYS B 104 10.84 -9.81 8.19
C CYS B 104 11.57 -10.63 9.26
N ALA B 105 10.89 -11.54 9.91
CA ALA B 105 11.49 -12.38 10.98
C ALA B 105 12.38 -13.43 10.35
N MET B 106 13.37 -13.90 11.11
CA MET B 106 14.25 -14.99 10.63
C MET B 106 13.84 -16.32 11.24
N ILE B 107 13.71 -17.33 10.36
CA ILE B 107 13.53 -18.74 10.75
C ILE B 107 14.80 -19.47 10.35
N VAL B 108 15.38 -20.27 11.22
CA VAL B 108 16.59 -21.06 10.86
C VAL B 108 16.21 -22.54 10.72
N ALA B 109 16.64 -23.17 9.62
CA ALA B 109 16.45 -24.60 9.44
C ALA B 109 17.26 -25.34 10.50
N ALA B 110 16.67 -26.38 11.07
CA ALA B 110 17.37 -27.23 12.06
C ALA B 110 17.35 -28.68 11.63
N ASP B 111 17.14 -28.93 10.33
CA ASP B 111 17.12 -30.29 9.74
C ASP B 111 18.48 -30.56 9.09
N ASP B 112 18.92 -31.81 9.25
CA ASP B 112 20.17 -32.33 8.67
C ASP B 112 19.75 -33.34 7.60
N PHE B 113 19.85 -32.91 6.33
CA PHE B 113 19.38 -33.72 5.19
C PHE B 113 20.40 -34.81 4.91
N ILE B 114 19.93 -36.04 4.81
CA ILE B 114 20.82 -37.19 4.47
C ILE B 114 20.46 -37.64 3.08
N PRO B 115 21.39 -37.61 2.13
CA PRO B 115 21.12 -38.12 0.79
C PRO B 115 21.12 -39.65 0.81
N GLY B 116 20.48 -40.20 -0.20
CA GLY B 116 20.43 -41.64 -0.41
C GLY B 116 19.58 -41.97 -1.57
N ASN B 117 19.76 -43.14 -2.15
CA ASN B 117 18.88 -43.58 -3.25
C ASN B 117 18.83 -42.56 -4.38
N GLY B 118 19.96 -41.87 -4.63
CA GLY B 118 20.07 -40.95 -5.77
C GLY B 118 19.36 -39.61 -5.59
N ILE B 119 18.85 -39.30 -4.40
CA ILE B 119 18.17 -38.00 -4.15
C ILE B 119 18.89 -37.31 -2.99
N PRO B 120 18.79 -35.97 -2.93
CA PRO B 120 19.48 -35.23 -1.88
C PRO B 120 18.88 -35.39 -0.47
N VAL B 121 17.59 -35.68 -0.37
CA VAL B 121 16.90 -35.73 0.95
C VAL B 121 16.15 -37.05 1.06
N ASP B 122 16.89 -38.11 1.39
CA ASP B 122 16.30 -39.46 1.55
C ASP B 122 15.93 -39.73 3.00
N ASN B 123 16.63 -39.08 3.93
CA ASN B 123 16.35 -39.20 5.38
C ASN B 123 16.62 -37.83 5.97
N VAL B 124 16.06 -37.56 7.14
CA VAL B 124 16.27 -36.25 7.83
CA VAL B 124 16.31 -36.26 7.83
C VAL B 124 16.40 -36.54 9.31
N VAL B 125 17.42 -35.97 9.93
CA VAL B 125 17.56 -35.98 11.40
C VAL B 125 17.65 -34.54 11.91
N LEU B 126 17.48 -34.36 13.19
CA LEU B 126 17.67 -33.05 13.84
C LEU B 126 19.14 -32.66 13.73
N ASP B 127 19.41 -31.44 13.28
CA ASP B 127 20.80 -30.93 13.06
C ASP B 127 21.43 -30.60 14.39
N LYS B 128 22.37 -31.41 14.86
CA LYS B 128 23.05 -31.19 16.18
C LYS B 128 24.06 -30.03 16.10
N LYS B 129 24.34 -29.49 14.92
CA LYS B 129 25.26 -28.33 14.75
C LYS B 129 24.53 -27.03 15.09
N ILE B 130 23.20 -27.01 15.17
CA ILE B 130 22.45 -25.74 15.39
C ILE B 130 22.61 -25.39 16.88
N ASN B 131 23.13 -24.20 17.15
CA ASN B 131 23.24 -23.64 18.53
C ASN B 131 22.06 -22.68 18.69
N ALA B 132 20.99 -23.14 19.32
CA ALA B 132 19.73 -22.37 19.39
C ALA B 132 19.97 -21.02 20.10
N GLN B 133 20.79 -20.98 21.16
CA GLN B 133 21.04 -19.70 21.88
C GLN B 133 21.75 -18.72 20.93
N ALA B 134 22.70 -19.20 20.12
CA ALA B 134 23.49 -18.36 19.22
C ALA B 134 22.57 -17.81 18.11
N VAL B 135 21.70 -18.63 17.54
CA VAL B 135 20.83 -18.09 16.44
C VAL B 135 19.79 -17.14 17.06
N LYS B 136 19.34 -17.40 18.28
CA LYS B 136 18.44 -16.47 18.99
C LYS B 136 19.14 -15.12 19.18
N ARG B 137 20.41 -15.13 19.63
CA ARG B 137 21.19 -13.88 19.84
C ARG B 137 21.29 -13.09 18.53
N ASP B 138 21.31 -13.76 17.37
CA ASP B 138 21.36 -13.10 16.04
C ASP B 138 19.99 -12.53 15.64
N GLY B 139 18.92 -12.90 16.33
CA GLY B 139 17.55 -12.41 16.08
C GLY B 139 16.59 -13.46 15.53
N ALA B 140 16.99 -14.72 15.38
CA ALA B 140 16.07 -15.78 14.92
C ALA B 140 14.88 -15.91 15.88
N LYS B 141 13.69 -16.17 15.33
CA LYS B 141 12.47 -16.32 16.17
C LYS B 141 11.93 -17.75 16.16
N ALA B 142 12.42 -18.60 15.24
CA ALA B 142 11.81 -19.90 14.98
C ALA B 142 12.86 -20.80 14.34
N LEU B 143 12.72 -22.09 14.60
CA LEU B 143 13.45 -23.13 13.85
C LEU B 143 12.45 -23.94 13.04
N LYS B 144 12.96 -24.64 12.03
CA LYS B 144 12.11 -25.45 11.14
C LYS B 144 12.72 -26.87 10.95
N LEU B 145 11.87 -27.86 10.96
CA LEU B 145 12.30 -29.28 10.79
C LEU B 145 11.43 -29.98 9.75
N LEU B 146 12.04 -30.42 8.62
CA LEU B 146 11.43 -31.37 7.68
C LEU B 146 11.35 -32.76 8.34
N VAL B 147 10.17 -33.37 8.24
CA VAL B 147 9.95 -34.77 8.71
C VAL B 147 9.48 -35.58 7.51
N LEU B 148 10.29 -36.52 7.03
CA LEU B 148 9.83 -37.39 5.94
C LEU B 148 8.89 -38.45 6.51
N TRP B 149 7.77 -38.63 5.88
CA TRP B 149 6.72 -39.56 6.34
C TRP B 149 6.60 -40.70 5.33
N ARG B 150 6.72 -41.93 5.81
CA ARG B 150 6.49 -43.16 4.98
C ARG B 150 5.61 -44.13 5.77
N SER B 151 4.66 -44.73 5.07
CA SER B 151 3.66 -45.62 5.72
C SER B 151 4.35 -46.82 6.37
N ASP B 152 5.47 -47.29 5.87
CA ASP B 152 6.14 -48.50 6.40
C ASP B 152 7.35 -48.15 7.27
N GLU B 153 7.45 -46.93 7.78
CA GLU B 153 8.46 -46.56 8.78
C GLU B 153 7.76 -46.22 10.09
N ASP B 154 8.46 -46.42 11.20
CA ASP B 154 7.93 -46.31 12.58
C ASP B 154 7.48 -44.87 12.89
N ALA B 155 6.21 -44.71 13.22
CA ALA B 155 5.63 -43.40 13.68
C ALA B 155 6.38 -42.92 14.93
N GLN B 156 6.73 -43.82 15.86
CA GLN B 156 7.30 -43.35 17.15
C GLN B 156 8.65 -42.65 16.92
N GLN B 157 9.46 -43.08 15.95
CA GLN B 157 10.76 -42.44 15.63
C GLN B 157 10.51 -40.99 15.17
N ARG B 158 9.48 -40.78 14.38
CA ARG B 158 9.15 -39.41 13.87
C ARG B 158 8.67 -38.56 15.04
N LEU B 159 7.74 -39.09 15.83
CA LEU B 159 7.21 -38.35 16.99
C LEU B 159 8.33 -38.00 17.96
N ASN B 160 9.28 -38.91 18.22
CA ASN B 160 10.38 -38.67 19.18
C ASN B 160 11.27 -37.53 18.65
N MET B 161 11.53 -37.52 17.34
CA MET B 161 12.34 -36.43 16.75
C MET B 161 11.59 -35.09 16.92
N VAL B 162 10.29 -35.07 16.63
CA VAL B 162 9.46 -33.83 16.74
C VAL B 162 9.48 -33.36 18.20
N LYS B 163 9.38 -34.30 19.16
CA LYS B 163 9.39 -33.91 20.60
C LYS B 163 10.76 -33.31 20.97
N GLU B 164 11.86 -33.90 20.56
CA GLU B 164 13.21 -33.36 20.85
C GLU B 164 13.36 -31.95 20.23
N PHE B 165 12.86 -31.79 19.00
CA PHE B 165 12.88 -30.50 18.27
C PHE B 165 12.04 -29.44 19.01
N ASN B 166 10.82 -29.81 19.41
CA ASN B 166 9.93 -28.88 20.15
C ASN B 166 10.66 -28.43 21.42
N GLU B 167 11.35 -29.35 22.10
CA GLU B 167 12.08 -28.99 23.35
C GLU B 167 13.26 -28.07 23.04
N LEU B 168 14.03 -28.34 21.98
CA LEU B 168 15.12 -27.45 21.56
C LEU B 168 14.58 -26.03 21.34
N CYS B 169 13.46 -25.92 20.63
CA CYS B 169 12.86 -24.59 20.31
C CYS B 169 12.35 -23.93 21.59
N HIS B 170 11.44 -24.59 22.29
CA HIS B 170 10.64 -23.99 23.39
C HIS B 170 11.56 -23.68 24.56
N SER B 171 12.54 -24.52 24.87
CA SER B 171 13.46 -24.26 26.00
C SER B 171 14.32 -23.03 25.74
N ASN B 172 14.40 -22.58 24.47
CA ASN B 172 15.19 -21.40 24.06
C ASN B 172 14.26 -20.23 23.68
N GLY B 173 12.96 -20.36 23.88
CA GLY B 173 12.00 -19.28 23.60
C GLY B 173 11.76 -19.08 22.11
N LEU B 174 12.03 -20.12 21.33
CA LEU B 174 11.84 -20.08 19.87
C LEU B 174 10.60 -20.84 19.49
N LEU B 175 9.99 -20.45 18.37
CA LEU B 175 8.89 -21.22 17.80
C LEU B 175 9.44 -22.48 17.10
N SER B 176 8.59 -23.49 17.06
CA SER B 176 8.84 -24.77 16.35
CA SER B 176 8.85 -24.76 16.34
C SER B 176 7.93 -24.84 15.13
N ILE B 177 8.52 -25.01 13.93
CA ILE B 177 7.77 -25.22 12.67
C ILE B 177 8.14 -26.62 12.17
N ILE B 178 7.16 -27.47 12.01
CA ILE B 178 7.43 -28.84 11.45
C ILE B 178 6.86 -28.91 10.06
N GLU B 179 7.54 -29.68 9.20
CA GLU B 179 7.18 -29.79 7.76
C GLU B 179 7.12 -31.26 7.40
N PRO B 180 5.99 -31.96 7.66
CA PRO B 180 5.90 -33.36 7.23
C PRO B 180 5.74 -33.38 5.70
N VAL B 181 6.52 -34.22 5.05
CA VAL B 181 6.51 -34.42 3.59
C VAL B 181 6.39 -35.91 3.30
N VAL B 182 5.40 -36.28 2.49
CA VAL B 182 5.10 -37.72 2.30
C VAL B 182 6.02 -38.29 1.21
N ARG B 183 6.43 -39.52 1.43
CA ARG B 183 7.26 -40.27 0.46
C ARG B 183 6.69 -41.66 0.28
N PRO B 184 6.91 -42.26 -0.91
CA PRO B 184 6.50 -43.65 -1.13
C PRO B 184 7.16 -44.57 -0.10
N PRO B 185 6.53 -45.73 0.20
CA PRO B 185 7.08 -46.64 1.18
C PRO B 185 8.46 -47.17 0.76
N ARG B 186 9.27 -47.54 1.73
CA ARG B 186 10.59 -48.14 1.46
C ARG B 186 10.42 -49.41 0.65
N CYS B 187 9.36 -50.17 0.95
CA CYS B 187 9.06 -51.46 0.27
CA CYS B 187 9.06 -51.47 0.27
C CYS B 187 7.59 -51.47 -0.14
N GLY B 188 7.32 -51.76 -1.40
CA GLY B 188 5.95 -51.82 -1.93
C GLY B 188 5.70 -50.72 -2.92
N ASP B 189 4.55 -50.76 -3.59
CA ASP B 189 4.16 -49.77 -4.62
C ASP B 189 2.75 -49.24 -4.32
N LYS B 190 2.26 -49.51 -3.12
CA LYS B 190 0.98 -48.96 -2.58
C LYS B 190 1.32 -47.57 -2.04
N PHE B 191 1.19 -46.56 -2.90
CA PHE B 191 1.38 -45.13 -2.51
C PHE B 191 0.21 -44.29 -3.01
N ASP B 192 -0.59 -43.87 -2.05
CA ASP B 192 -1.69 -42.90 -2.23
C ASP B 192 -1.25 -41.59 -1.57
N ARG B 193 -0.72 -40.67 -2.37
CA ARG B 193 -0.09 -39.43 -1.84
C ARG B 193 -1.13 -38.67 -1.03
N GLU B 194 -2.40 -38.63 -1.50
CA GLU B 194 -3.44 -37.84 -0.80
C GLU B 194 -3.76 -38.46 0.56
N GLN B 195 -3.87 -39.78 0.65
CA GLN B 195 -4.09 -40.46 1.94
C GLN B 195 -2.87 -40.33 2.84
N ALA B 196 -1.65 -40.33 2.28
CA ALA B 196 -0.45 -40.19 3.10
C ALA B 196 -0.44 -38.81 3.78
N ILE B 197 -0.80 -37.76 3.05
CA ILE B 197 -0.82 -36.39 3.64
C ILE B 197 -1.78 -36.37 4.83
N ILE B 198 -2.94 -37.00 4.67
CA ILE B 198 -3.94 -37.11 5.77
C ILE B 198 -3.36 -37.91 6.92
N ASP B 199 -2.75 -39.04 6.63
CA ASP B 199 -2.19 -39.94 7.69
C ASP B 199 -1.06 -39.24 8.44
N ALA B 200 -0.22 -38.45 7.75
CA ALA B 200 0.86 -37.71 8.40
C ALA B 200 0.25 -36.69 9.36
N ALA B 201 -0.82 -36.03 8.95
CA ALA B 201 -1.49 -35.00 9.79
C ALA B 201 -2.17 -35.70 10.98
N LYS B 202 -2.77 -36.87 10.78
CA LYS B 202 -3.35 -37.62 11.93
C LYS B 202 -2.25 -37.90 12.95
N GLU B 203 -1.04 -38.21 12.49
CA GLU B 203 0.10 -38.58 13.35
C GLU B 203 0.70 -37.34 14.00
N LEU B 204 0.94 -36.27 13.23
CA LEU B 204 1.83 -35.17 13.67
C LEU B 204 1.06 -33.85 13.87
N GLY B 205 -0.20 -33.80 13.49
CA GLY B 205 -1.00 -32.56 13.51
C GLY B 205 -1.34 -32.09 14.91
N ASP B 206 -1.06 -32.87 15.96
CA ASP B 206 -1.25 -32.42 17.37
C ASP B 206 0.00 -32.71 18.18
N SER B 207 1.18 -32.47 17.63
CA SER B 207 2.48 -32.92 18.21
C SER B 207 3.17 -31.85 19.06
N GLY B 208 2.52 -30.71 19.29
CA GLY B 208 3.04 -29.67 20.19
C GLY B 208 3.92 -28.66 19.50
N ALA B 209 4.07 -28.74 18.18
CA ALA B 209 4.77 -27.68 17.41
C ALA B 209 3.88 -26.43 17.38
N ASP B 210 4.45 -25.29 16.98
CA ASP B 210 3.69 -24.01 16.90
C ASP B 210 3.04 -23.86 15.53
N LEU B 211 3.61 -24.48 14.50
CA LEU B 211 3.10 -24.29 13.12
C LEU B 211 3.37 -25.56 12.31
N TYR B 212 2.42 -25.94 11.48
CA TYR B 212 2.48 -27.14 10.60
C TYR B 212 2.58 -26.66 9.15
N LYS B 213 3.70 -26.97 8.46
CA LYS B 213 3.95 -26.63 7.04
C LYS B 213 3.68 -27.88 6.22
N VAL B 214 2.66 -27.83 5.37
CA VAL B 214 2.11 -29.05 4.71
C VAL B 214 2.06 -28.90 3.19
N GLU B 215 2.18 -30.01 2.50
CA GLU B 215 1.95 -30.11 1.06
C GLU B 215 0.49 -29.87 0.72
N MET B 216 0.26 -29.19 -0.39
CA MET B 216 -1.08 -28.94 -0.90
C MET B 216 -1.69 -30.21 -1.47
N PRO B 217 -2.91 -30.60 -1.01
CA PRO B 217 -3.63 -31.65 -1.69
C PRO B 217 -3.75 -31.43 -3.21
N LEU B 218 -3.60 -32.54 -3.94
CA LEU B 218 -3.93 -32.67 -5.37
C LEU B 218 -2.97 -31.80 -6.19
N TYR B 219 -1.82 -31.41 -5.61
CA TYR B 219 -0.83 -30.54 -6.28
C TYR B 219 -1.49 -29.22 -6.68
N GLY B 220 -2.58 -28.84 -6.03
CA GLY B 220 -3.30 -27.60 -6.34
C GLY B 220 -3.98 -27.64 -7.70
N LYS B 221 -4.11 -28.82 -8.30
CA LYS B 221 -4.68 -29.00 -9.65
C LYS B 221 -6.18 -29.27 -9.60
N GLY B 222 -6.81 -29.00 -10.73
CA GLY B 222 -8.18 -29.47 -10.97
C GLY B 222 -9.22 -28.48 -10.53
N ALA B 223 -10.44 -28.97 -10.32
CA ALA B 223 -11.59 -28.14 -9.97
C ALA B 223 -11.46 -27.58 -8.56
N ARG B 224 -11.82 -26.32 -8.40
CA ARG B 224 -11.73 -25.60 -7.10
C ARG B 224 -12.52 -26.37 -6.04
N SER B 225 -13.72 -26.84 -6.38
CA SER B 225 -14.61 -27.51 -5.39
C SER B 225 -13.90 -28.74 -4.80
N ASP B 226 -13.24 -29.54 -5.64
CA ASP B 226 -12.50 -30.76 -5.19
C ASP B 226 -11.29 -30.34 -4.34
N LEU B 227 -10.58 -29.26 -4.73
CA LEU B 227 -9.43 -28.78 -3.91
C LEU B 227 -9.91 -28.35 -2.53
N LEU B 228 -11.03 -27.67 -2.45
CA LEU B 228 -11.59 -27.18 -1.17
C LEU B 228 -11.97 -28.37 -0.29
N THR B 229 -12.71 -29.34 -0.85
CA THR B 229 -13.10 -30.55 -0.07
C THR B 229 -11.84 -31.22 0.49
N ALA B 230 -10.79 -31.40 -0.33
CA ALA B 230 -9.54 -32.06 0.10
C ALA B 230 -8.85 -31.24 1.19
N SER B 231 -8.84 -29.92 1.06
CA SER B 231 -8.21 -28.99 2.04
C SER B 231 -8.99 -28.99 3.37
N GLN B 232 -10.31 -29.10 3.31
CA GLN B 232 -11.15 -29.16 4.55
C GLN B 232 -10.89 -30.47 5.28
N ARG B 233 -10.78 -31.56 4.52
CA ARG B 233 -10.43 -32.88 5.09
C ARG B 233 -9.12 -32.76 5.85
N LEU B 234 -8.12 -32.14 5.24
CA LEU B 234 -6.78 -32.00 5.87
C LEU B 234 -6.91 -31.12 7.13
N ASN B 235 -7.61 -30.01 7.03
CA ASN B 235 -7.76 -29.05 8.14
C ASN B 235 -8.24 -29.78 9.41
N GLY B 236 -9.17 -30.72 9.23
CA GLY B 236 -9.78 -31.43 10.38
C GLY B 236 -8.78 -32.23 11.18
N HIS B 237 -7.59 -32.53 10.64
CA HIS B 237 -6.55 -33.35 11.28
C HIS B 237 -5.39 -32.52 11.80
N ILE B 238 -5.44 -31.19 11.70
CA ILE B 238 -4.32 -30.35 12.17
C ILE B 238 -4.83 -29.47 13.31
N ASN B 239 -4.26 -29.65 14.49
CA ASN B 239 -4.71 -28.96 15.72
C ASN B 239 -3.72 -27.86 16.14
N MET B 240 -3.09 -27.23 15.16
CA MET B 240 -2.21 -26.07 15.33
C MET B 240 -2.44 -25.28 14.06
N PRO B 241 -2.00 -24.01 14.00
CA PRO B 241 -2.05 -23.27 12.74
C PRO B 241 -1.25 -24.03 11.67
N TRP B 242 -1.71 -23.93 10.43
CA TRP B 242 -1.03 -24.57 9.29
C TRP B 242 -0.91 -23.64 8.09
N VAL B 243 0.18 -23.85 7.36
CA VAL B 243 0.48 -23.10 6.13
C VAL B 243 0.82 -24.12 5.04
N ILE B 244 0.67 -23.70 3.80
CA ILE B 244 1.04 -24.58 2.67
C ILE B 244 2.39 -24.19 2.09
N LEU B 245 3.12 -25.25 1.68
CA LEU B 245 4.39 -25.13 0.95
C LEU B 245 4.12 -25.28 -0.55
N SER B 246 5.07 -24.84 -1.38
CA SER B 246 4.79 -24.80 -2.85
C SER B 246 5.39 -25.95 -3.61
N SER B 247 6.34 -26.75 -3.08
CA SER B 247 6.91 -27.89 -3.84
C SER B 247 5.76 -28.73 -4.38
N GLY B 248 5.81 -29.02 -5.67
CA GLY B 248 4.78 -29.86 -6.30
C GLY B 248 3.64 -29.07 -6.88
N VAL B 249 3.49 -27.78 -6.55
CA VAL B 249 2.41 -26.93 -7.11
C VAL B 249 3.00 -26.02 -8.18
N ASP B 250 2.43 -26.01 -9.38
CA ASP B 250 2.84 -25.06 -10.42
C ASP B 250 2.78 -23.65 -9.82
N GLU B 251 3.77 -22.81 -10.11
CA GLU B 251 3.79 -21.42 -9.58
C GLU B 251 2.51 -20.69 -9.97
N LYS B 252 1.89 -21.03 -11.10
CA LYS B 252 0.67 -20.30 -11.54
C LYS B 252 -0.57 -20.77 -10.76
N LEU B 253 -0.52 -21.95 -10.17
CA LEU B 253 -1.68 -22.50 -9.38
C LEU B 253 -1.49 -22.20 -7.89
N PHE B 254 -0.33 -21.71 -7.46
CA PHE B 254 -0.09 -21.57 -6.03
C PHE B 254 -0.96 -20.47 -5.44
N PRO B 255 -1.28 -19.34 -6.12
CA PRO B 255 -2.15 -18.35 -5.52
C PRO B 255 -3.55 -18.91 -5.19
N ARG B 256 -4.11 -19.68 -6.12
CA ARG B 256 -5.42 -20.32 -5.88
C ARG B 256 -5.25 -21.32 -4.73
N ALA B 257 -4.15 -22.05 -4.66
CA ALA B 257 -3.95 -23.04 -3.59
C ALA B 257 -3.98 -22.31 -2.23
N VAL B 258 -3.31 -21.18 -2.11
CA VAL B 258 -3.31 -20.41 -0.85
C VAL B 258 -4.76 -19.98 -0.51
N ARG B 259 -5.49 -19.45 -1.49
CA ARG B 259 -6.87 -19.00 -1.25
CA ARG B 259 -6.89 -19.00 -1.27
C ARG B 259 -7.71 -20.18 -0.75
N VAL B 260 -7.60 -21.32 -1.41
CA VAL B 260 -8.47 -22.49 -1.08
C VAL B 260 -8.02 -23.06 0.28
N ALA B 261 -6.73 -23.20 0.51
CA ALA B 261 -6.23 -23.74 1.78
C ALA B 261 -6.74 -22.85 2.91
N MET B 262 -6.63 -21.52 2.78
CA MET B 262 -7.07 -20.59 3.82
C MET B 262 -8.61 -20.66 4.00
N GLU B 263 -9.37 -20.78 2.94
CA GLU B 263 -10.83 -20.99 3.02
C GLU B 263 -11.10 -22.23 3.88
N ALA B 264 -10.26 -23.27 3.77
CA ALA B 264 -10.39 -24.52 4.54
C ALA B 264 -9.88 -24.39 5.97
N GLY B 265 -9.17 -23.32 6.36
CA GLY B 265 -8.67 -23.16 7.73
C GLY B 265 -7.18 -22.90 7.84
N ALA B 266 -6.43 -23.02 6.72
CA ALA B 266 -5.00 -22.65 6.76
C ALA B 266 -4.86 -21.17 7.11
N SER B 267 -3.67 -20.74 7.50
CA SER B 267 -3.38 -19.35 7.92
C SER B 267 -2.36 -18.68 6.97
N GLY B 268 -1.97 -19.36 5.89
CA GLY B 268 -1.06 -18.75 4.91
C GLY B 268 -0.11 -19.75 4.28
N PHE B 269 1.10 -19.29 3.98
CA PHE B 269 2.07 -20.06 3.14
C PHE B 269 3.49 -19.86 3.69
N LEU B 270 4.32 -20.88 3.43
CA LEU B 270 5.78 -20.77 3.63
C LEU B 270 6.33 -21.41 2.36
N ALA B 271 6.73 -20.56 1.41
CA ALA B 271 6.97 -20.99 0.01
C ALA B 271 8.31 -20.49 -0.50
N GLY B 272 8.89 -21.34 -1.33
CA GLY B 272 10.16 -21.02 -2.01
C GLY B 272 9.96 -21.08 -3.52
N ARG B 273 9.86 -22.26 -4.04
CA ARG B 273 9.81 -22.49 -5.49
C ARG B 273 8.78 -21.61 -6.21
N ALA B 274 7.56 -21.50 -5.70
CA ALA B 274 6.52 -20.75 -6.45
C ALA B 274 6.86 -19.28 -6.48
N VAL B 275 7.80 -18.80 -5.67
CA VAL B 275 8.25 -17.39 -5.67
C VAL B 275 9.47 -17.24 -6.60
N TRP B 276 10.52 -18.06 -6.47
CA TRP B 276 11.83 -17.73 -7.13
C TRP B 276 12.35 -18.81 -8.08
N SER B 277 11.73 -19.97 -8.25
CA SER B 277 12.32 -21.05 -9.09
CA SER B 277 12.30 -21.06 -9.09
C SER B 277 12.49 -20.56 -10.53
N SER B 278 11.55 -19.78 -11.04
CA SER B 278 11.53 -19.42 -12.47
C SER B 278 12.73 -18.55 -12.86
N VAL B 279 13.37 -17.87 -11.92
CA VAL B 279 14.48 -16.95 -12.28
C VAL B 279 15.83 -17.66 -12.25
N ILE B 280 15.90 -18.90 -11.78
CA ILE B 280 17.17 -19.65 -11.78
C ILE B 280 17.63 -19.83 -13.23
N GLY B 281 18.84 -19.38 -13.52
CA GLY B 281 19.41 -19.53 -14.86
C GLY B 281 19.22 -18.32 -15.72
N LEU B 282 18.39 -17.33 -15.33
CA LEU B 282 18.22 -16.12 -16.14
C LEU B 282 19.43 -15.21 -15.91
N PRO B 283 19.72 -14.33 -16.88
CA PRO B 283 20.66 -13.25 -16.66
C PRO B 283 20.12 -12.25 -15.64
N ASP B 284 21.00 -11.48 -14.97
CA ASP B 284 20.57 -10.32 -14.17
C ASP B 284 19.71 -10.84 -13.01
N THR B 285 20.27 -11.72 -12.19
CA THR B 285 19.53 -12.30 -11.02
C THR B 285 18.84 -11.24 -10.19
N GLU B 286 19.51 -10.16 -9.76
CA GLU B 286 18.87 -9.17 -8.88
C GLU B 286 17.65 -8.52 -9.57
N LEU B 287 17.78 -8.16 -10.83
CA LEU B 287 16.66 -7.53 -11.57
C LEU B 287 15.54 -8.56 -11.66
N MET B 288 15.87 -9.83 -11.91
CA MET B 288 14.81 -10.84 -12.10
C MET B 288 14.11 -11.08 -10.77
N LEU B 289 14.85 -11.16 -9.65
CA LEU B 289 14.16 -11.32 -8.36
C LEU B 289 13.21 -10.15 -8.10
N ARG B 290 13.59 -8.92 -8.48
CA ARG B 290 12.76 -7.73 -8.22
C ARG B 290 11.55 -7.74 -9.15
N ASP B 291 11.76 -8.10 -10.43
CA ASP B 291 10.70 -7.88 -11.43
C ASP B 291 9.81 -9.10 -11.63
N VAL B 292 10.31 -10.31 -11.37
CA VAL B 292 9.60 -11.56 -11.69
C VAL B 292 9.15 -12.15 -10.36
N SER B 293 10.06 -12.39 -9.44
CA SER B 293 9.73 -13.08 -8.17
C SER B 293 8.97 -12.16 -7.23
N ALA B 294 9.35 -10.91 -7.05
CA ALA B 294 8.75 -10.04 -6.03
C ALA B 294 7.26 -9.87 -6.29
N PRO B 295 6.78 -9.61 -7.53
CA PRO B 295 5.34 -9.46 -7.70
C PRO B 295 4.54 -10.72 -7.35
N LYS B 296 5.11 -11.91 -7.55
CA LYS B 296 4.45 -13.16 -7.12
C LYS B 296 4.35 -13.22 -5.61
N LEU B 297 5.40 -12.89 -4.89
CA LEU B 297 5.35 -12.92 -3.42
C LEU B 297 4.39 -11.82 -2.90
N GLN B 298 4.41 -10.66 -3.51
CA GLN B 298 3.52 -9.54 -3.11
CA GLN B 298 3.51 -9.52 -3.13
C GLN B 298 2.06 -10.02 -3.27
N ARG B 299 1.72 -10.64 -4.39
CA ARG B 299 0.34 -11.08 -4.63
C ARG B 299 -0.05 -12.10 -3.56
N LEU B 300 0.81 -13.07 -3.28
CA LEU B 300 0.48 -14.08 -2.24
C LEU B 300 0.19 -13.37 -0.92
N GLY B 301 0.99 -12.41 -0.51
CA GLY B 301 0.73 -11.63 0.73
C GLY B 301 -0.60 -10.93 0.72
N GLU B 302 -0.98 -10.37 -0.42
CA GLU B 302 -2.30 -9.69 -0.56
C GLU B 302 -3.42 -10.70 -0.38
N ILE B 303 -3.28 -11.90 -0.94
CA ILE B 303 -4.32 -12.94 -0.83
C ILE B 303 -4.40 -13.34 0.65
N VAL B 304 -3.28 -13.50 1.33
CA VAL B 304 -3.32 -13.87 2.76
C VAL B 304 -4.11 -12.80 3.54
N ASP B 305 -3.86 -11.52 3.33
CA ASP B 305 -4.60 -10.46 4.06
C ASP B 305 -6.08 -10.52 3.68
N GLU B 306 -6.40 -10.73 2.41
CA GLU B 306 -7.80 -10.77 1.98
C GLU B 306 -8.52 -11.91 2.72
N MET B 307 -7.89 -13.07 2.82
CA MET B 307 -8.53 -14.23 3.47
C MET B 307 -8.60 -14.01 4.98
N MET B 308 -7.60 -13.41 5.61
CA MET B 308 -7.66 -13.14 7.07
C MET B 308 -8.79 -12.15 7.37
N ALA B 309 -9.05 -11.20 6.46
CA ALA B 309 -10.10 -10.16 6.69
C ALA B 309 -11.49 -10.82 6.71
N LYS B 310 -11.67 -11.97 6.06
CA LYS B 310 -12.97 -12.70 5.99
C LYS B 310 -13.26 -13.47 7.27
N ARG B 311 -12.28 -13.63 8.15
CA ARG B 311 -12.45 -14.20 9.51
C ARG B 311 -13.00 -13.10 10.43
N ASN C 22 0.54 -21.58 33.34
CA ASN C 22 0.60 -20.15 33.73
C ASN C 22 1.89 -19.51 33.19
N ASN C 23 2.24 -19.83 31.95
CA ASN C 23 3.34 -19.13 31.22
C ASN C 23 2.85 -17.73 30.86
N TYR C 24 3.78 -16.79 30.73
CA TYR C 24 3.45 -15.47 30.14
C TYR C 24 4.66 -15.00 29.33
N THR C 25 4.42 -14.13 28.35
CA THR C 25 5.53 -13.54 27.58
C THR C 25 5.17 -12.12 27.15
N ILE C 26 6.14 -11.24 27.26
CA ILE C 26 6.00 -9.83 26.84
C ILE C 26 5.61 -9.79 25.36
N LYS C 27 6.01 -10.78 24.59
CA LYS C 27 5.75 -10.79 23.13
C LYS C 27 4.26 -10.94 22.88
N ASP C 28 3.43 -11.26 23.88
CA ASP C 28 1.98 -11.31 23.67
C ASP C 28 1.39 -9.90 23.46
N ILE C 29 2.11 -8.83 23.79
CA ILE C 29 1.51 -7.47 23.66
C ILE C 29 2.28 -6.56 22.69
N THR C 30 3.28 -7.08 22.00
CA THR C 30 4.16 -6.30 21.09
C THR C 30 3.72 -6.48 19.63
N ARG C 31 4.11 -5.51 18.82
CA ARG C 31 4.15 -5.72 17.35
C ARG C 31 5.23 -6.78 17.05
N ALA C 32 5.22 -7.31 15.84
CA ALA C 32 6.25 -8.26 15.40
C ALA C 32 7.64 -7.65 15.51
N SER C 33 7.79 -6.31 15.37
CA SER C 33 9.08 -5.58 15.51
C SER C 33 9.67 -5.71 16.90
N GLY C 34 8.82 -6.02 17.87
CA GLY C 34 9.21 -6.03 19.29
C GLY C 34 8.80 -4.74 20.00
N GLY C 35 8.33 -3.75 19.26
CA GLY C 35 7.84 -2.48 19.83
C GLY C 35 6.42 -2.62 20.33
N PHE C 36 6.03 -1.71 21.21
CA PHE C 36 4.68 -1.67 21.81
C PHE C 36 3.92 -0.55 21.17
N ALA C 37 2.75 -0.86 20.60
CA ALA C 37 1.87 0.17 19.99
C ALA C 37 0.49 -0.03 20.55
N MET C 38 0.31 0.41 21.81
CA MET C 38 -0.84 -0.04 22.60
C MET C 38 -1.80 1.12 22.89
N LEU C 39 -3.09 0.79 22.87
CA LEU C 39 -4.23 1.74 22.96
C LEU C 39 -4.83 1.63 24.35
N ALA C 40 -5.01 2.75 25.01
CA ALA C 40 -5.69 2.84 26.32
C ALA C 40 -7.07 3.41 26.11
N VAL C 41 -8.11 2.71 26.58
CA VAL C 41 -9.49 3.26 26.59
C VAL C 41 -10.08 3.01 27.98
N ASP C 42 -9.24 2.85 29.01
CA ASP C 42 -9.69 2.47 30.36
C ASP C 42 -9.98 3.68 31.26
N GLN C 43 -10.00 4.89 30.72
CA GLN C 43 -10.19 6.11 31.53
C GLN C 43 -11.59 6.09 32.12
N ARG C 44 -11.74 6.46 33.38
CA ARG C 44 -13.03 6.28 34.09
C ARG C 44 -13.66 7.67 34.33
N GLU C 45 -13.68 8.15 35.56
CA GLU C 45 -14.30 9.49 35.80
C GLU C 45 -13.53 10.55 35.03
N ALA C 46 -12.23 10.38 34.79
CA ALA C 46 -11.47 11.33 33.96
C ALA C 46 -12.13 11.45 32.57
N MET C 47 -12.62 10.34 32.00
CA MET C 47 -13.27 10.37 30.68
C MET C 47 -14.61 11.11 30.78
N ARG C 48 -15.34 10.87 31.86
CA ARG C 48 -16.64 11.60 32.05
C ARG C 48 -16.40 13.10 32.05
N LEU C 49 -15.33 13.56 32.70
CA LEU C 49 -14.99 15.01 32.77
C LEU C 49 -14.64 15.49 31.36
N MET C 50 -13.98 14.68 30.55
CA MET C 50 -13.61 15.05 29.16
C MET C 50 -14.89 15.25 28.32
N PHE C 51 -15.91 14.41 28.47
CA PHE C 51 -17.19 14.55 27.73
C PHE C 51 -17.88 15.86 28.18
N ALA C 52 -17.94 16.11 29.46
CA ALA C 52 -18.54 17.37 30.00
C ALA C 52 -17.79 18.59 29.42
N ALA C 53 -16.46 18.60 29.46
CA ALA C 53 -15.61 19.68 28.92
C ALA C 53 -15.88 19.90 27.43
N ALA C 54 -16.22 18.86 26.66
CA ALA C 54 -16.49 18.95 25.20
C ALA C 54 -17.95 19.37 24.92
N GLY C 55 -18.77 19.52 25.95
CA GLY C 55 -20.10 20.14 25.85
C GLY C 55 -21.25 19.18 26.08
N ALA C 56 -21.00 17.91 26.46
CA ALA C 56 -22.08 16.99 26.88
C ALA C 56 -22.80 17.57 28.12
N LYS C 57 -24.13 17.43 28.21
CA LYS C 57 -24.89 17.91 29.38
C LYS C 57 -24.49 17.02 30.55
N THR C 58 -24.46 17.57 31.76
CA THR C 58 -24.19 16.83 33.01
C THR C 58 -25.50 16.57 33.75
N PRO C 59 -25.62 15.45 34.48
CA PRO C 59 -24.55 14.47 34.58
C PRO C 59 -24.48 13.65 33.28
N VAL C 60 -23.25 13.32 32.84
CA VAL C 60 -23.01 12.47 31.64
C VAL C 60 -23.28 11.03 32.06
N ALA C 61 -24.15 10.31 31.37
CA ALA C 61 -24.55 8.93 31.71
C ALA C 61 -23.41 7.94 31.45
N ASP C 62 -23.38 6.86 32.25
CA ASP C 62 -22.38 5.77 32.08
C ASP C 62 -22.40 5.26 30.64
N SER C 63 -23.57 5.20 30.00
CA SER C 63 -23.74 4.57 28.67
C SER C 63 -22.94 5.36 27.62
N VAL C 64 -22.76 6.67 27.82
CA VAL C 64 -21.98 7.52 26.89
C VAL C 64 -20.54 7.02 26.88
N LEU C 65 -20.00 6.71 28.04
CA LEU C 65 -18.61 6.25 28.18
C LEU C 65 -18.49 4.85 27.60
N THR C 66 -19.38 3.95 27.99
CA THR C 66 -19.38 2.56 27.48
C THR C 66 -19.42 2.57 25.94
N ASP C 67 -20.36 3.32 25.36
CA ASP C 67 -20.53 3.31 23.89
C ASP C 67 -19.26 3.83 23.20
N PHE C 68 -18.66 4.88 23.71
CA PHE C 68 -17.45 5.47 23.12
C PHE C 68 -16.29 4.47 23.23
N LYS C 69 -16.12 3.87 24.42
CA LYS C 69 -15.03 2.91 24.66
C LYS C 69 -15.16 1.72 23.72
N VAL C 70 -16.36 1.15 23.62
CA VAL C 70 -16.52 -0.06 22.78
C VAL C 70 -16.28 0.32 21.32
N ASN C 71 -16.81 1.46 20.88
CA ASN C 71 -16.56 1.93 19.49
C ASN C 71 -15.05 2.13 19.27
N ALA C 72 -14.36 2.72 20.22
CA ALA C 72 -12.91 2.95 20.09
C ALA C 72 -12.20 1.60 19.98
N ALA C 73 -12.50 0.65 20.85
CA ALA C 73 -11.87 -0.69 20.75
C ALA C 73 -12.17 -1.30 19.37
N LYS C 74 -13.41 -1.26 18.93
CA LYS C 74 -13.84 -1.93 17.69
C LYS C 74 -13.08 -1.36 16.47
N ILE C 75 -12.97 -0.05 16.43
CA ILE C 75 -12.47 0.63 15.21
C ILE C 75 -10.94 0.76 15.29
N LEU C 76 -10.35 0.87 16.48
CA LEU C 76 -8.91 1.20 16.59
C LEU C 76 -8.08 -0.03 16.94
N SER C 77 -8.65 -1.06 17.58
CA SER C 77 -7.83 -2.22 17.99
C SER C 77 -7.19 -2.91 16.79
N PRO C 78 -7.71 -2.86 15.54
CA PRO C 78 -6.97 -3.46 14.42
C PRO C 78 -5.57 -2.85 14.19
N TYR C 79 -5.33 -1.66 14.72
CA TYR C 79 -4.08 -0.90 14.51
C TYR C 79 -3.20 -0.99 15.74
N ALA C 80 -3.63 -1.64 16.79
CA ALA C 80 -2.89 -1.71 18.08
C ALA C 80 -2.38 -3.12 18.37
N SER C 81 -1.26 -3.20 19.07
CA SER C 81 -0.68 -4.52 19.49
C SER C 81 -1.44 -5.02 20.74
N ALA C 82 -1.96 -4.08 21.52
CA ALA C 82 -2.78 -4.42 22.72
C ALA C 82 -3.75 -3.27 22.97
N VAL C 83 -4.86 -3.59 23.65
CA VAL C 83 -5.82 -2.54 24.04
C VAL C 83 -6.13 -2.75 25.53
N LEU C 84 -6.15 -1.63 26.27
CA LEU C 84 -6.38 -1.59 27.73
C LEU C 84 -7.80 -1.16 28.03
N LEU C 85 -8.54 -2.05 28.71
CA LEU C 85 -9.98 -1.91 29.00
C LEU C 85 -10.20 -1.93 30.50
N ASP C 86 -11.17 -1.17 30.97
CA ASP C 86 -11.60 -1.22 32.40
C ASP C 86 -12.89 -2.04 32.56
N GLN C 87 -12.98 -2.73 33.69
CA GLN C 87 -14.25 -3.46 34.02
C GLN C 87 -15.39 -2.50 34.32
N GLN C 88 -15.14 -1.32 34.86
CA GLN C 88 -16.23 -0.38 35.25
C GLN C 88 -17.12 -0.11 34.03
N PHE C 89 -16.56 0.20 32.87
CA PHE C 89 -17.37 0.70 31.74
C PHE C 89 -17.32 -0.16 30.47
N CYS C 90 -16.34 -1.03 30.23
CA CYS C 90 -16.28 -1.61 28.85
C CYS C 90 -15.66 -2.99 28.72
N TYR C 91 -15.01 -3.59 29.72
CA TYR C 91 -14.34 -4.89 29.47
C TYR C 91 -15.37 -5.94 29.04
N ARG C 92 -16.41 -6.16 29.85
CA ARG C 92 -17.40 -7.22 29.55
C ARG C 92 -18.08 -6.95 28.19
N GLN C 93 -18.43 -5.70 27.93
CA GLN C 93 -19.12 -5.30 26.68
C GLN C 93 -18.20 -5.58 25.48
N ALA C 94 -16.90 -5.24 25.58
CA ALA C 94 -15.96 -5.42 24.47
C ALA C 94 -15.84 -6.92 24.18
N VAL C 95 -15.76 -7.73 25.24
CA VAL C 95 -15.64 -9.20 25.09
C VAL C 95 -16.93 -9.73 24.46
N GLU C 96 -18.08 -9.40 25.02
CA GLU C 96 -19.40 -9.95 24.59
C GLU C 96 -19.62 -9.57 23.11
N GLN C 97 -19.17 -8.39 22.68
CA GLN C 97 -19.45 -7.84 21.33
C GLN C 97 -18.32 -8.17 20.35
N ASN C 98 -17.31 -8.92 20.78
CA ASN C 98 -16.13 -9.29 19.96
C ASN C 98 -15.55 -8.02 19.32
N ALA C 99 -15.45 -6.94 20.10
CA ALA C 99 -14.93 -5.64 19.63
C ALA C 99 -13.41 -5.68 19.45
N VAL C 100 -12.69 -6.59 20.12
CA VAL C 100 -11.20 -6.53 20.07
C VAL C 100 -10.74 -7.34 18.86
N ALA C 101 -10.03 -6.71 17.93
CA ALA C 101 -9.47 -7.41 16.75
C ALA C 101 -8.67 -8.63 17.22
N LYS C 102 -8.70 -9.71 16.44
CA LYS C 102 -7.95 -10.96 16.77
C LYS C 102 -6.45 -10.67 16.86
N SER C 103 -5.95 -9.69 16.12
CA SER C 103 -4.51 -9.33 16.11
C SER C 103 -4.11 -8.49 17.33
N CYS C 104 -5.07 -8.07 18.16
CA CYS C 104 -4.80 -7.14 19.29
C CYS C 104 -4.99 -7.84 20.62
N ALA C 105 -4.00 -7.81 21.49
CA ALA C 105 -4.09 -8.47 22.80
C ALA C 105 -4.96 -7.62 23.73
N MET C 106 -5.56 -8.25 24.73
CA MET C 106 -6.32 -7.52 25.76
C MET C 106 -5.47 -7.33 27.01
N ILE C 107 -5.53 -6.12 27.54
CA ILE C 107 -4.97 -5.75 28.86
C ILE C 107 -6.17 -5.33 29.70
N VAL C 108 -6.27 -5.81 30.93
CA VAL C 108 -7.35 -5.41 31.83
C VAL C 108 -6.78 -4.53 32.94
N ALA C 109 -7.42 -3.38 33.19
CA ALA C 109 -7.01 -2.54 34.32
C ALA C 109 -7.31 -3.27 35.60
N ALA C 110 -6.41 -3.17 36.57
CA ALA C 110 -6.58 -3.80 37.90
C ALA C 110 -6.42 -2.76 39.00
N ASP C 111 -6.65 -1.50 38.66
CA ASP C 111 -6.54 -0.37 39.61
C ASP C 111 -7.94 0.05 40.05
N ASP C 112 -8.04 0.37 41.34
CA ASP C 112 -9.29 0.88 41.95
C ASP C 112 -9.01 2.34 42.33
N PHE C 113 -9.53 3.24 41.53
CA PHE C 113 -9.30 4.69 41.69
C PHE C 113 -10.17 5.22 42.82
N ILE C 114 -9.55 5.87 43.79
CA ILE C 114 -10.29 6.44 44.96
C ILE C 114 -10.26 7.97 44.79
N PRO C 115 -11.44 8.60 44.66
CA PRO C 115 -11.51 10.05 44.61
C PRO C 115 -11.19 10.68 45.96
N GLY C 116 -10.78 11.94 45.90
CA GLY C 116 -10.51 12.74 47.09
C GLY C 116 -10.03 14.09 46.71
N ASN C 117 -10.15 15.06 47.61
CA ASN C 117 -9.60 16.43 47.37
C ASN C 117 -10.13 16.99 46.05
N GLY C 118 -11.36 16.64 45.67
CA GLY C 118 -12.01 17.20 44.48
C GLY C 118 -11.51 16.66 43.15
N ILE C 119 -10.74 15.57 43.14
CA ILE C 119 -10.28 14.93 41.88
C ILE C 119 -10.70 13.47 41.89
N PRO C 120 -10.86 12.88 40.69
CA PRO C 120 -11.32 11.50 40.62
C PRO C 120 -10.29 10.45 41.07
N VAL C 121 -9.00 10.75 40.98
CA VAL C 121 -7.93 9.77 41.31
C VAL C 121 -6.97 10.40 42.30
N ASP C 122 -7.34 10.36 43.58
CA ASP C 122 -6.50 10.89 44.68
C ASP C 122 -5.67 9.79 45.34
N ASN C 123 -6.15 8.55 45.26
CA ASN C 123 -5.42 7.38 45.78
C ASN C 123 -5.78 6.22 44.85
N VAL C 124 -4.94 5.20 44.81
CA VAL C 124 -5.19 4.01 43.96
C VAL C 124 -4.75 2.81 44.77
N VAL C 125 -5.63 1.81 44.80
CA VAL C 125 -5.31 0.50 45.42
C VAL C 125 -5.53 -0.57 44.35
N LEU C 126 -5.02 -1.77 44.62
CA LEU C 126 -5.32 -2.92 43.74
C LEU C 126 -6.83 -3.16 43.73
N ASP C 127 -7.44 -3.34 42.56
CA ASP C 127 -8.87 -3.69 42.41
C ASP C 127 -9.08 -5.16 42.81
N LYS C 128 -9.65 -5.37 44.01
CA LYS C 128 -9.82 -6.73 44.59
C LYS C 128 -10.90 -7.51 43.83
N LYS C 129 -11.69 -6.86 42.95
CA LYS C 129 -12.76 -7.53 42.21
C LYS C 129 -12.19 -8.31 41.02
N ILE C 130 -10.96 -8.00 40.58
CA ILE C 130 -10.43 -8.66 39.36
C ILE C 130 -10.21 -10.13 39.63
N ASN C 131 -10.81 -10.95 38.78
CA ASN C 131 -10.61 -12.42 38.75
C ASN C 131 -9.62 -12.72 37.63
N ALA C 132 -8.36 -12.87 38.01
CA ALA C 132 -7.25 -12.98 37.01
C ALA C 132 -7.48 -14.24 36.15
N GLN C 133 -7.93 -15.35 36.73
CA GLN C 133 -8.11 -16.59 35.93
C GLN C 133 -9.25 -16.39 34.93
N ALA C 134 -10.32 -15.71 35.34
CA ALA C 134 -11.50 -15.47 34.49
C ALA C 134 -11.09 -14.56 33.32
N VAL C 135 -10.35 -13.48 33.59
CA VAL C 135 -10.02 -12.59 32.43
C VAL C 135 -9.01 -13.30 31.55
N LYS C 136 -8.11 -14.12 32.09
CA LYS C 136 -7.19 -14.92 31.24
C LYS C 136 -7.99 -15.86 30.34
N ARG C 137 -9.01 -16.52 30.86
CA ARG C 137 -9.83 -17.48 30.07
C ARG C 137 -10.52 -16.72 28.94
N ASP C 138 -10.84 -15.43 29.11
CA ASP C 138 -11.46 -14.59 28.05
C ASP C 138 -10.43 -14.17 26.99
N GLY C 139 -9.15 -14.33 27.27
CA GLY C 139 -8.07 -13.96 26.33
C GLY C 139 -7.14 -12.88 26.83
N ALA C 140 -7.33 -12.32 28.03
CA ALA C 140 -6.43 -11.26 28.54
C ALA C 140 -5.01 -11.76 28.66
N LYS C 141 -4.05 -10.89 28.35
CA LYS C 141 -2.62 -11.22 28.40
C LYS C 141 -1.90 -10.45 29.50
N ALA C 142 -2.51 -9.38 30.05
CA ALA C 142 -1.81 -8.50 30.99
C ALA C 142 -2.84 -7.78 31.85
N LEU C 143 -2.38 -7.37 33.02
CA LEU C 143 -3.13 -6.42 33.88
C LEU C 143 -2.29 -5.16 33.98
N LYS C 144 -2.97 -4.07 34.36
CA LYS C 144 -2.30 -2.76 34.50
C LYS C 144 -2.67 -2.10 35.83
N LEU C 145 -1.70 -1.53 36.49
CA LEU C 145 -1.91 -0.83 37.79
C LEU C 145 -1.24 0.54 37.75
N LEU C 146 -2.07 1.60 37.88
CA LEU C 146 -1.60 2.96 38.18
C LEU C 146 -1.11 3.03 39.65
N VAL C 147 0.06 3.60 39.85
CA VAL C 147 0.64 3.86 41.19
C VAL C 147 0.89 5.35 41.33
N LEU C 148 0.21 6.02 42.26
CA LEU C 148 0.45 7.45 42.48
C LEU C 148 1.69 7.58 43.33
N TRP C 149 2.59 8.46 42.91
CA TRP C 149 3.90 8.66 43.56
C TRP C 149 3.90 10.05 44.21
N ARG C 150 4.21 10.10 45.50
CA ARG C 150 4.41 11.38 46.22
C ARG C 150 5.64 11.30 47.11
N SER C 151 6.45 12.35 47.10
CA SER C 151 7.73 12.34 47.81
C SER C 151 7.52 12.15 49.32
N ASP C 152 6.39 12.57 49.88
CA ASP C 152 6.22 12.52 51.36
C ASP C 152 5.30 11.37 51.77
N GLU C 153 5.06 10.38 50.92
CA GLU C 153 4.31 9.17 51.29
C GLU C 153 5.26 7.97 51.25
N ASP C 154 4.93 6.93 52.01
CA ASP C 154 5.80 5.76 52.26
C ASP C 154 6.12 5.00 50.97
N ALA C 155 7.38 4.95 50.57
CA ALA C 155 7.85 4.17 49.40
C ALA C 155 7.51 2.69 49.62
N GLN C 156 7.65 2.15 50.84
CA GLN C 156 7.48 0.70 51.04
C GLN C 156 6.03 0.29 50.74
N GLN C 157 5.03 1.13 51.02
CA GLN C 157 3.62 0.81 50.75
C GLN C 157 3.42 0.70 49.23
N ARG C 158 4.08 1.55 48.44
CA ARG C 158 3.95 1.50 46.96
C ARG C 158 4.64 0.22 46.46
N LEU C 159 5.84 -0.05 46.95
CA LEU C 159 6.59 -1.29 46.56
C LEU C 159 5.74 -2.51 46.90
N ASN C 160 5.13 -2.57 48.09
CA ASN C 160 4.33 -3.72 48.55
C ASN C 160 3.12 -3.92 47.63
N MET C 161 2.48 -2.83 47.22
CA MET C 161 1.32 -2.93 46.30
C MET C 161 1.82 -3.49 44.95
N VAL C 162 2.93 -2.99 44.45
CA VAL C 162 3.49 -3.47 43.15
C VAL C 162 3.87 -4.95 43.27
N LYS C 163 4.48 -5.34 44.37
CA LYS C 163 4.85 -6.78 44.56
C LYS C 163 3.60 -7.66 44.61
N GLU C 164 2.54 -7.27 45.32
CA GLU C 164 1.28 -8.05 45.38
C GLU C 164 0.70 -8.16 43.97
N PHE C 165 0.74 -7.06 43.23
CA PHE C 165 0.23 -7.01 41.84
C PHE C 165 1.04 -7.94 40.92
N ASN C 166 2.36 -7.88 41.01
CA ASN C 166 3.26 -8.75 40.20
C ASN C 166 2.89 -10.20 40.47
N GLU C 167 2.65 -10.55 41.74
CA GLU C 167 2.34 -11.93 42.12
C GLU C 167 0.95 -12.32 41.59
N LEU C 168 -0.05 -11.44 41.68
CA LEU C 168 -1.39 -11.68 41.12
C LEU C 168 -1.24 -11.98 39.62
N CYS C 169 -0.44 -11.18 38.90
CA CYS C 169 -0.27 -11.34 37.46
C CYS C 169 0.45 -12.67 37.17
N HIS C 170 1.67 -12.79 37.68
CA HIS C 170 2.61 -13.87 37.28
C HIS C 170 2.05 -15.23 37.71
N SER C 171 1.44 -15.31 38.90
CA SER C 171 0.93 -16.62 39.40
C SER C 171 -0.23 -17.08 38.52
N ASN C 172 -0.85 -16.18 37.74
CA ASN C 172 -2.00 -16.51 36.88
C ASN C 172 -1.62 -16.41 35.39
N GLY C 173 -0.34 -16.31 35.06
CA GLY C 173 0.12 -16.35 33.66
C GLY C 173 -0.21 -15.07 32.91
N LEU C 174 -0.21 -13.96 33.64
CA LEU C 174 -0.46 -12.62 33.04
C LEU C 174 0.77 -11.74 33.19
N LEU C 175 0.96 -10.82 32.26
CA LEU C 175 2.01 -9.80 32.41
C LEU C 175 1.53 -8.73 33.39
N SER C 176 2.49 -8.10 34.04
CA SER C 176 2.27 -6.94 34.94
CA SER C 176 2.24 -6.93 34.94
C SER C 176 2.74 -5.65 34.26
N ILE C 177 1.84 -4.69 34.10
CA ILE C 177 2.16 -3.33 33.61
C ILE C 177 1.92 -2.35 34.76
N ILE C 178 2.95 -1.63 35.15
CA ILE C 178 2.80 -0.58 36.20
C ILE C 178 2.88 0.78 35.56
N GLU C 179 2.14 1.73 36.16
CA GLU C 179 2.05 3.11 35.63
C GLU C 179 2.25 4.07 36.79
N PRO C 180 3.51 4.38 37.17
CA PRO C 180 3.74 5.38 38.21
C PRO C 180 3.41 6.75 37.66
N VAL C 181 2.64 7.53 38.41
CA VAL C 181 2.21 8.89 38.03
C VAL C 181 2.55 9.83 39.19
N VAL C 182 3.29 10.88 38.91
CA VAL C 182 3.78 11.74 40.01
C VAL C 182 2.72 12.76 40.40
N ARG C 183 2.66 13.03 41.70
CA ARG C 183 1.74 14.06 42.25
C ARG C 183 2.51 14.91 43.23
N PRO C 184 2.02 16.15 43.46
CA PRO C 184 2.64 16.97 44.49
C PRO C 184 2.51 16.33 45.85
N PRO C 185 3.41 16.66 46.79
CA PRO C 185 3.37 16.08 48.12
C PRO C 185 2.06 16.43 48.84
N ARG C 186 1.66 15.57 49.76
CA ARG C 186 0.48 15.80 50.61
C ARG C 186 0.68 17.11 51.38
N CYS C 187 1.90 17.38 51.83
N CYS C 187 1.90 17.37 51.82
CA CYS C 187 2.24 18.56 52.65
CA CYS C 187 2.27 18.56 52.62
C CYS C 187 3.50 19.21 52.06
C CYS C 187 3.51 19.21 52.03
N GLY C 188 3.43 20.51 51.80
CA GLY C 188 4.57 21.24 51.22
C GLY C 188 4.23 21.69 49.83
N ASP C 189 5.14 22.48 49.25
CA ASP C 189 4.95 23.05 47.89
C ASP C 189 6.21 22.80 47.05
N LYS C 190 7.11 21.96 47.56
CA LYS C 190 8.38 21.58 46.89
C LYS C 190 8.00 20.42 45.97
N PHE C 191 7.68 20.78 44.73
CA PHE C 191 7.29 19.82 43.67
C PHE C 191 7.97 20.22 42.35
N ASP C 192 8.89 19.36 41.97
CA ASP C 192 9.60 19.38 40.67
C ASP C 192 9.11 18.14 39.91
N ARG C 193 8.18 18.32 38.99
CA ARG C 193 7.54 17.19 38.27
C ARG C 193 8.63 16.35 37.58
N GLU C 194 9.64 17.00 37.00
CA GLU C 194 10.68 16.27 36.23
C GLU C 194 11.54 15.42 37.16
N GLN C 195 11.91 15.96 38.32
CA GLN C 195 12.68 15.20 39.32
C GLN C 195 11.81 14.10 39.92
N ALA C 196 10.52 14.34 40.11
CA ALA C 196 9.64 13.30 40.67
C ALA C 196 9.56 12.09 39.71
N ILE C 197 9.46 12.35 38.42
CA ILE C 197 9.40 11.23 37.43
C ILE C 197 10.66 10.37 37.59
N ILE C 198 11.82 11.02 37.71
CA ILE C 198 13.10 10.30 37.91
C ILE C 198 13.08 9.54 39.23
N ASP C 199 12.63 10.19 40.31
CA ASP C 199 12.62 9.56 41.65
C ASP C 199 11.65 8.37 41.70
N ALA C 200 10.53 8.44 40.99
CA ALA C 200 9.57 7.33 40.92
C ALA C 200 10.25 6.14 40.21
N ALA C 201 11.00 6.44 39.16
CA ALA C 201 11.69 5.38 38.39
C ALA C 201 12.83 4.80 39.26
N LYS C 202 13.53 5.62 40.03
CA LYS C 202 14.57 5.10 40.96
C LYS C 202 13.93 4.11 41.91
N GLU C 203 12.72 4.42 42.38
CA GLU C 203 11.99 3.57 43.35
C GLU C 203 11.42 2.30 42.69
N LEU C 204 10.77 2.45 41.54
CA LEU C 204 9.89 1.38 40.99
C LEU C 204 10.42 0.80 39.69
N GLY C 205 11.51 1.34 39.14
CA GLY C 205 11.99 0.95 37.80
C GLY C 205 12.62 -0.42 37.78
N ASP C 206 12.88 -1.05 38.94
CA ASP C 206 13.40 -2.44 39.00
C ASP C 206 12.53 -3.25 39.97
N SER C 207 11.22 -3.10 39.90
CA SER C 207 10.25 -3.65 40.88
C SER C 207 9.70 -5.03 40.47
N GLY C 208 10.15 -5.58 39.34
CA GLY C 208 9.78 -6.94 38.92
C GLY C 208 8.54 -6.96 38.04
N ALA C 209 8.00 -5.80 37.68
CA ALA C 209 6.93 -5.75 36.66
C ALA C 209 7.52 -6.10 35.28
N ASP C 210 6.65 -6.35 34.31
CA ASP C 210 7.10 -6.67 32.93
C ASP C 210 7.23 -5.42 32.07
N LEU C 211 6.52 -4.35 32.41
CA LEU C 211 6.45 -3.14 31.55
C LEU C 211 6.19 -1.92 32.43
N TYR C 212 6.91 -0.83 32.18
CA TYR C 212 6.78 0.45 32.90
C TYR C 212 6.12 1.48 31.96
N LYS C 213 4.94 1.98 32.32
CA LYS C 213 4.18 2.99 31.56
C LYS C 213 4.42 4.33 32.28
N VAL C 214 5.07 5.27 31.59
CA VAL C 214 5.60 6.51 32.26
C VAL C 214 5.14 7.76 31.53
N GLU C 215 5.03 8.84 32.33
CA GLU C 215 4.79 10.19 31.80
C GLU C 215 5.99 10.65 30.99
N MET C 216 5.70 11.38 29.90
CA MET C 216 6.76 11.97 29.07
C MET C 216 7.40 13.15 29.79
N PRO C 217 8.74 13.15 29.94
CA PRO C 217 9.44 14.35 30.41
C PRO C 217 9.03 15.61 29.63
N LEU C 218 8.86 16.69 30.38
CA LEU C 218 8.71 18.06 29.84
C LEU C 218 7.42 18.19 29.01
N TYR C 219 6.47 17.28 29.21
CA TYR C 219 5.19 17.25 28.46
C TYR C 219 5.46 17.15 26.96
N GLY C 220 6.64 16.69 26.57
CA GLY C 220 6.96 16.54 25.13
C GLY C 220 7.19 17.88 24.45
N LYS C 221 7.34 18.96 25.24
CA LYS C 221 7.47 20.33 24.70
C LYS C 221 8.94 20.71 24.53
N GLY C 222 9.15 21.71 23.69
CA GLY C 222 10.44 22.41 23.62
C GLY C 222 11.39 21.79 22.62
N ALA C 223 12.67 22.09 22.78
CA ALA C 223 13.72 21.65 21.85
C ALA C 223 13.93 20.13 21.97
N ARG C 224 14.06 19.47 20.83
CA ARG C 224 14.21 18.02 20.74
C ARG C 224 15.43 17.59 21.58
N SER C 225 16.54 18.32 21.50
CA SER C 225 17.78 17.95 22.23
C SER C 225 17.52 17.87 23.74
N ASP C 226 16.76 18.81 24.30
CA ASP C 226 16.45 18.83 25.76
C ASP C 226 15.48 17.68 26.08
N LEU C 227 14.53 17.38 25.20
CA LEU C 227 13.60 16.24 25.40
C LEU C 227 14.41 14.93 25.44
N LEU C 228 15.39 14.80 24.54
CA LEU C 228 16.22 13.58 24.44
C LEU C 228 17.04 13.44 25.74
N THR C 229 17.73 14.50 26.15
CA THR C 229 18.52 14.46 27.41
C THR C 229 17.64 14.02 28.58
N ALA C 230 16.46 14.61 28.70
CA ALA C 230 15.52 14.26 29.80
C ALA C 230 15.09 12.79 29.73
N SER C 231 14.81 12.29 28.53
CA SER C 231 14.37 10.91 28.29
C SER C 231 15.51 9.91 28.56
N GLN C 232 16.76 10.29 28.24
CA GLN C 232 17.93 9.43 28.51
C GLN C 232 18.15 9.29 30.02
N ARG C 233 17.97 10.39 30.74
CA ARG C 233 18.10 10.40 32.20
C ARG C 233 17.10 9.39 32.77
N LEU C 234 15.86 9.45 32.28
CA LEU C 234 14.79 8.55 32.75
C LEU C 234 15.14 7.09 32.43
N ASN C 235 15.55 6.84 31.18
CA ASN C 235 15.88 5.49 30.70
C ASN C 235 16.83 4.78 31.68
N GLY C 236 17.80 5.52 32.18
CA GLY C 236 18.87 4.96 33.03
C GLY C 236 18.34 4.34 34.31
N HIS C 237 17.13 4.71 34.72
CA HIS C 237 16.51 4.25 35.99
C HIS C 237 15.42 3.19 35.78
N ILE C 238 15.19 2.74 34.55
CA ILE C 238 14.13 1.73 34.28
C ILE C 238 14.78 0.46 33.76
N ASN C 239 14.65 -0.61 34.53
CA ASN C 239 15.33 -1.90 34.26
C ASN C 239 14.34 -2.93 33.75
N MET C 240 13.38 -2.48 32.97
CA MET C 240 12.35 -3.29 32.30
C MET C 240 12.04 -2.47 31.05
N PRO C 241 11.37 -3.05 30.05
CA PRO C 241 10.90 -2.25 28.93
C PRO C 241 9.98 -1.14 29.42
N TRP C 242 9.99 -0.03 28.73
CA TRP C 242 9.17 1.13 29.10
C TRP C 242 8.53 1.77 27.89
N VAL C 243 7.36 2.31 28.14
CA VAL C 243 6.50 2.93 27.11
C VAL C 243 6.00 4.24 27.68
N ILE C 244 5.69 5.18 26.80
CA ILE C 244 5.17 6.50 27.25
C ILE C 244 3.65 6.54 27.07
N LEU C 245 3.05 7.27 27.99
CA LEU C 245 1.63 7.58 27.99
C LEU C 245 1.45 9.01 27.47
N SER C 246 0.25 9.35 27.05
CA SER C 246 0.01 10.62 26.33
C SER C 246 -0.55 11.72 27.22
N SER C 247 -1.12 11.41 28.41
CA SER C 247 -1.66 12.50 29.27
C SER C 247 -0.60 13.59 29.43
N GLY C 248 -1.02 14.82 29.23
CA GLY C 248 -0.16 15.99 29.38
C GLY C 248 0.58 16.33 28.08
N VAL C 249 0.56 15.48 27.04
CA VAL C 249 1.30 15.78 25.78
C VAL C 249 0.29 16.17 24.70
N ASP C 250 0.45 17.34 24.09
CA ASP C 250 -0.41 17.69 22.93
C ASP C 250 -0.41 16.54 21.91
N GLU C 251 -1.56 16.20 21.35
CA GLU C 251 -1.65 15.09 20.36
C GLU C 251 -0.70 15.35 19.20
N LYS C 252 -0.41 16.61 18.84
CA LYS C 252 0.48 16.91 17.70
C LYS C 252 1.93 16.71 18.07
N LEU C 253 2.28 16.72 19.35
CA LEU C 253 3.67 16.53 19.81
C LEU C 253 3.91 15.06 20.21
N PHE C 254 2.86 14.23 20.27
CA PHE C 254 3.04 12.86 20.79
C PHE C 254 3.88 12.03 19.82
N PRO C 255 3.75 12.15 18.48
CA PRO C 255 4.62 11.36 17.60
C PRO C 255 6.13 11.66 17.82
N ARG C 256 6.47 12.92 18.01
CA ARG C 256 7.87 13.30 18.30
C ARG C 256 8.25 12.74 19.67
N ALA C 257 7.33 12.79 20.65
CA ALA C 257 7.63 12.26 22.00
C ALA C 257 7.97 10.77 21.90
N VAL C 258 7.19 10.01 21.14
CA VAL C 258 7.48 8.55 20.96
C VAL C 258 8.86 8.38 20.31
N ARG C 259 9.15 9.14 19.26
CA ARG C 259 10.46 9.05 18.56
C ARG C 259 11.58 9.32 19.56
N VAL C 260 11.46 10.38 20.34
CA VAL C 260 12.55 10.81 21.26
C VAL C 260 12.66 9.80 22.40
N ALA C 261 11.53 9.41 23.00
CA ALA C 261 11.58 8.44 24.10
C ALA C 261 12.25 7.16 23.61
N MET C 262 11.90 6.68 22.42
CA MET C 262 12.46 5.42 21.88
C MET C 262 13.96 5.62 21.56
N GLU C 263 14.37 6.76 21.06
CA GLU C 263 15.80 7.09 20.84
C GLU C 263 16.54 6.95 22.19
N ALA C 264 15.88 7.31 23.29
CA ALA C 264 16.45 7.25 24.64
C ALA C 264 16.41 5.83 25.20
N GLY C 265 15.67 4.89 24.62
CA GLY C 265 15.61 3.50 25.12
C GLY C 265 14.20 2.98 25.36
N ALA C 266 13.17 3.83 25.27
CA ALA C 266 11.78 3.35 25.38
C ALA C 266 11.48 2.36 24.25
N SER C 267 10.43 1.58 24.38
CA SER C 267 10.05 0.53 23.42
C SER C 267 8.70 0.80 22.76
N GLY C 268 8.10 1.95 23.04
CA GLY C 268 6.87 2.36 22.36
C GLY C 268 5.96 3.14 23.28
N PHE C 269 4.66 2.92 23.11
CA PHE C 269 3.63 3.77 23.77
C PHE C 269 2.46 2.90 24.22
N LEU C 270 1.77 3.41 25.23
CA LEU C 270 0.46 2.89 25.68
C LEU C 270 -0.38 4.14 25.91
N ALA C 271 -1.16 4.51 24.91
CA ALA C 271 -1.73 5.87 24.83
C ALA C 271 -3.21 5.83 24.52
N GLY C 272 -3.89 6.84 25.05
CA GLY C 272 -5.32 7.01 24.81
C GLY C 272 -5.57 8.39 24.27
N ARG C 273 -5.44 9.43 25.08
CA ARG C 273 -5.85 10.79 24.69
C ARG C 273 -5.23 11.21 23.36
N ALA C 274 -3.97 10.97 23.10
CA ALA C 274 -3.31 11.50 21.88
C ALA C 274 -3.90 10.78 20.66
N VAL C 275 -4.61 9.67 20.84
CA VAL C 275 -5.25 8.93 19.73
C VAL C 275 -6.70 9.38 19.56
N TRP C 276 -7.53 9.43 20.62
CA TRP C 276 -8.99 9.59 20.44
C TRP C 276 -9.58 10.84 21.11
N SER C 277 -8.86 11.64 21.88
CA SER C 277 -9.47 12.77 22.64
C SER C 277 -10.13 13.75 21.68
N SER C 278 -9.54 13.97 20.50
CA SER C 278 -10.05 15.06 19.61
C SER C 278 -11.42 14.73 19.01
N VAL C 279 -11.86 13.47 19.03
CA VAL C 279 -13.16 13.13 18.41
C VAL C 279 -14.29 13.17 19.44
N ILE C 280 -13.99 13.40 20.71
CA ILE C 280 -15.04 13.50 21.75
C ILE C 280 -15.91 14.72 21.42
N GLY C 281 -17.20 14.48 21.29
CA GLY C 281 -18.15 15.58 21.01
C GLY C 281 -18.44 15.75 19.55
N LEU C 282 -17.70 15.10 18.63
CA LEU C 282 -17.99 15.24 17.18
C LEU C 282 -19.18 14.39 16.82
N PRO C 283 -19.90 14.74 15.73
CA PRO C 283 -20.90 13.83 15.18
C PRO C 283 -20.26 12.57 14.60
N ASP C 284 -21.04 11.51 14.43
CA ASP C 284 -20.63 10.31 13.68
C ASP C 284 -19.38 9.72 14.34
N THR C 285 -19.46 9.36 15.61
CA THR C 285 -18.29 8.87 16.39
C THR C 285 -17.49 7.77 15.65
N GLU C 286 -18.16 6.75 15.12
CA GLU C 286 -17.48 5.63 14.43
C GLU C 286 -16.68 6.15 13.22
N LEU C 287 -17.29 7.01 12.39
CA LEU C 287 -16.55 7.56 11.21
C LEU C 287 -15.35 8.36 11.73
N MET C 288 -15.54 9.14 12.79
CA MET C 288 -14.45 10.00 13.31
C MET C 288 -13.33 9.12 13.85
N LEU C 289 -13.65 8.08 14.58
CA LEU C 289 -12.58 7.18 15.05
C LEU C 289 -11.82 6.57 13.87
N ARG C 290 -12.50 6.24 12.77
CA ARG C 290 -11.83 5.63 11.60
C ARG C 290 -10.98 6.69 10.88
N ASP C 291 -11.52 7.92 10.72
CA ASP C 291 -10.89 8.89 9.79
C ASP C 291 -9.93 9.84 10.49
N VAL C 292 -10.11 10.07 11.79
CA VAL C 292 -9.31 11.08 12.54
C VAL C 292 -8.39 10.30 13.47
N SER C 293 -8.95 9.41 14.30
CA SER C 293 -8.13 8.72 15.34
C SER C 293 -7.24 7.65 14.74
N ALA C 294 -7.76 6.82 13.83
CA ALA C 294 -7.02 5.65 13.33
C ALA C 294 -5.73 6.11 12.63
N PRO C 295 -5.75 7.16 11.75
CA PRO C 295 -4.48 7.58 11.13
C PRO C 295 -3.40 8.00 12.13
N LYS C 296 -3.81 8.58 13.26
CA LYS C 296 -2.85 8.95 14.30
C LYS C 296 -2.25 7.69 14.94
N LEU C 297 -3.07 6.71 15.23
CA LEU C 297 -2.56 5.46 15.87
C LEU C 297 -1.67 4.72 14.85
N GLN C 298 -2.07 4.68 13.58
CA GLN C 298 -1.31 4.02 12.50
C GLN C 298 0.07 4.68 12.41
N ARG C 299 0.13 6.01 12.43
CA ARG C 299 1.42 6.71 12.29
C ARG C 299 2.28 6.36 13.51
N LEU C 300 1.72 6.36 14.70
CA LEU C 300 2.53 5.99 15.91
C LEU C 300 3.10 4.58 15.74
N GLY C 301 2.30 3.62 15.27
CA GLY C 301 2.77 2.25 15.00
C GLY C 301 3.94 2.22 14.01
N GLU C 302 3.86 3.04 12.98
CA GLU C 302 4.92 3.13 11.97
C GLU C 302 6.20 3.64 12.62
N ILE C 303 6.07 4.66 13.48
CA ILE C 303 7.23 5.26 14.18
C ILE C 303 7.85 4.18 15.06
N VAL C 304 7.03 3.43 15.79
CA VAL C 304 7.55 2.36 16.67
C VAL C 304 8.40 1.38 15.84
N ASP C 305 7.89 0.92 14.70
CA ASP C 305 8.66 -0.05 13.88
C ASP C 305 9.93 0.61 13.33
N GLU C 306 9.85 1.87 12.92
CA GLU C 306 11.03 2.60 12.41
C GLU C 306 12.12 2.67 13.48
N MET C 307 11.74 2.97 14.73
CA MET C 307 12.73 3.10 15.80
C MET C 307 13.25 1.71 16.19
N MET C 308 12.43 0.66 16.19
CA MET C 308 12.91 -0.70 16.55
C MET C 308 13.90 -1.18 15.47
N ALA C 309 13.71 -0.77 14.22
CA ALA C 309 14.55 -1.21 13.08
C ALA C 309 15.99 -0.70 13.27
N LYS C 310 16.17 0.40 14.01
CA LYS C 310 17.50 1.02 14.28
C LYS C 310 18.26 0.28 15.38
N ARG C 311 17.64 -0.68 16.06
CA ARG C 311 18.33 -1.59 17.02
C ARG C 311 18.83 -2.83 16.27
N HIS D 20 1.17 19.97 -33.77
CA HIS D 20 -0.08 19.50 -33.11
C HIS D 20 0.11 19.53 -31.58
N MET D 21 -0.91 20.02 -30.87
CA MET D 21 -0.90 20.27 -29.40
C MET D 21 -1.55 19.08 -28.67
N ASN D 22 -0.76 18.34 -27.87
CA ASN D 22 -1.21 17.22 -27.01
C ASN D 22 -1.57 17.81 -25.64
N ASN D 23 -2.81 18.22 -25.47
CA ASN D 23 -3.31 18.84 -24.21
C ASN D 23 -3.24 17.81 -23.06
N TYR D 24 -2.93 18.26 -21.86
CA TYR D 24 -3.13 17.41 -20.67
C TYR D 24 -4.63 17.16 -20.49
N THR D 25 -4.92 16.11 -19.74
CA THR D 25 -6.30 15.65 -19.48
C THR D 25 -6.51 15.56 -17.98
N ILE D 26 -7.75 15.47 -17.49
CA ILE D 26 -7.98 15.45 -16.01
C ILE D 26 -7.28 14.24 -15.43
N LYS D 27 -7.11 13.15 -16.18
CA LYS D 27 -6.43 11.95 -15.64
C LYS D 27 -5.00 12.33 -15.19
N ASP D 28 -4.39 13.33 -15.79
CA ASP D 28 -3.00 13.73 -15.44
C ASP D 28 -2.88 14.34 -14.05
N ILE D 29 -3.98 14.69 -13.38
CA ILE D 29 -3.91 15.27 -12.00
C ILE D 29 -4.68 14.40 -11.00
N THR D 30 -5.12 13.20 -11.39
CA THR D 30 -5.85 12.27 -10.51
C THR D 30 -4.95 11.13 -10.06
N ARG D 31 -5.39 10.46 -9.02
CA ARG D 31 -4.82 9.14 -8.65
C ARG D 31 -5.10 8.17 -9.79
N ALA D 32 -4.49 7.00 -9.77
CA ALA D 32 -4.74 6.01 -10.84
C ALA D 32 -6.23 5.65 -10.90
N SER D 33 -6.95 5.70 -9.77
CA SER D 33 -8.41 5.43 -9.65
C SER D 33 -9.25 6.42 -10.46
N GLY D 34 -8.69 7.60 -10.75
CA GLY D 34 -9.46 8.71 -11.32
C GLY D 34 -9.98 9.69 -10.28
N GLY D 35 -9.74 9.45 -9.01
CA GLY D 35 -10.12 10.44 -7.98
C GLY D 35 -9.07 11.51 -7.79
N PHE D 36 -9.48 12.70 -7.39
CA PHE D 36 -8.55 13.83 -7.17
C PHE D 36 -8.18 13.87 -5.68
N ALA D 37 -6.89 13.87 -5.40
CA ALA D 37 -6.38 13.93 -4.01
C ALA D 37 -5.30 14.99 -3.97
N MET D 38 -5.73 16.25 -3.99
CA MET D 38 -4.81 17.35 -4.35
C MET D 38 -4.54 18.27 -3.15
N LEU D 39 -3.28 18.76 -3.08
CA LEU D 39 -2.72 19.56 -1.98
C LEU D 39 -2.58 21.01 -2.44
N ALA D 40 -3.06 21.96 -1.66
CA ALA D 40 -2.89 23.40 -1.94
C ALA D 40 -1.86 23.98 -0.96
N VAL D 41 -0.80 24.60 -1.46
CA VAL D 41 0.16 25.36 -0.63
C VAL D 41 0.36 26.74 -1.25
N ASP D 42 -0.58 27.25 -2.03
CA ASP D 42 -0.43 28.51 -2.81
C ASP D 42 -0.89 29.74 -2.03
N GLN D 43 -1.24 29.60 -0.76
CA GLN D 43 -1.76 30.73 0.06
C GLN D 43 -0.67 31.79 0.20
N ARG D 44 -1.04 33.07 0.07
CA ARG D 44 -0.02 34.14 -0.02
C ARG D 44 -0.08 34.98 1.27
N GLU D 45 -0.62 36.20 1.24
CA GLU D 45 -0.64 37.01 2.48
C GLU D 45 -1.50 36.31 3.53
N ALA D 46 -2.51 35.53 3.15
CA ALA D 46 -3.29 34.74 4.12
C ALA D 46 -2.35 33.82 4.92
N MET D 47 -1.32 33.24 4.29
CA MET D 47 -0.40 32.34 5.02
C MET D 47 0.49 33.20 5.94
N ARG D 48 0.90 34.37 5.51
CA ARG D 48 1.71 35.26 6.37
C ARG D 48 0.92 35.59 7.65
N LEU D 49 -0.37 35.84 7.53
CA LEU D 49 -1.25 36.17 8.70
C LEU D 49 -1.36 34.93 9.60
N MET D 50 -1.40 33.73 9.03
CA MET D 50 -1.46 32.48 9.84
C MET D 50 -0.17 32.34 10.67
N PHE D 51 1.00 32.67 10.12
CA PHE D 51 2.29 32.56 10.85
C PHE D 51 2.27 33.57 12.00
N ALA D 52 1.85 34.79 11.74
CA ALA D 52 1.76 35.84 12.78
C ALA D 52 0.81 35.37 13.90
N ALA D 53 -0.38 34.89 13.56
CA ALA D 53 -1.41 34.40 14.51
C ALA D 53 -0.86 33.25 15.35
N ALA D 54 0.05 32.41 14.82
CA ALA D 54 0.62 31.25 15.53
C ALA D 54 1.82 31.65 16.39
N GLY D 55 2.25 32.90 16.33
CA GLY D 55 3.26 33.47 17.24
C GLY D 55 4.63 33.67 16.60
N ALA D 56 4.76 33.55 15.28
CA ALA D 56 6.04 33.84 14.58
C ALA D 56 6.45 35.29 14.83
N LYS D 57 7.75 35.57 14.85
CA LYS D 57 8.30 36.95 14.95
C LYS D 57 7.76 37.75 13.76
N THR D 58 7.26 38.97 14.01
CA THR D 58 6.75 39.88 12.96
C THR D 58 7.74 41.01 12.77
N PRO D 59 7.92 41.55 11.55
CA PRO D 59 7.19 41.08 10.37
C PRO D 59 7.72 39.71 9.92
N VAL D 60 6.83 38.84 9.44
CA VAL D 60 7.21 37.49 8.94
C VAL D 60 7.85 37.66 7.56
N ALA D 61 9.10 37.23 7.40
CA ALA D 61 9.88 37.40 6.15
C ALA D 61 9.32 36.47 5.07
N ASP D 62 9.44 36.87 3.81
CA ASP D 62 9.00 36.05 2.65
C ASP D 62 9.64 34.65 2.74
N SER D 63 10.89 34.55 3.18
CA SER D 63 11.65 33.28 3.17
C SER D 63 10.97 32.26 4.10
N VAL D 64 10.31 32.72 5.15
CA VAL D 64 9.58 31.83 6.10
C VAL D 64 8.46 31.13 5.32
N LEU D 65 7.75 31.88 4.47
CA LEU D 65 6.64 31.31 3.67
C LEU D 65 7.22 30.35 2.64
N THR D 66 8.23 30.79 1.88
CA THR D 66 8.88 29.94 0.86
C THR D 66 9.37 28.64 1.50
N ASP D 67 10.09 28.72 2.62
CA ASP D 67 10.68 27.52 3.25
C ASP D 67 9.56 26.56 3.68
N PHE D 68 8.47 27.07 4.26
CA PHE D 68 7.34 26.21 4.71
C PHE D 68 6.68 25.57 3.48
N LYS D 69 6.42 26.36 2.44
CA LYS D 69 5.74 25.84 1.22
C LYS D 69 6.58 24.73 0.59
N VAL D 70 7.88 24.97 0.44
CA VAL D 70 8.76 23.96 -0.22
C VAL D 70 8.85 22.73 0.66
N ASN D 71 8.99 22.88 1.97
CA ASN D 71 9.01 21.73 2.90
C ASN D 71 7.67 20.95 2.83
N ALA D 72 6.57 21.66 2.78
CA ALA D 72 5.23 21.04 2.67
C ALA D 72 5.20 20.26 1.36
N ALA D 73 5.59 20.86 0.25
CA ALA D 73 5.59 20.15 -1.04
C ALA D 73 6.49 18.93 -0.96
N LYS D 74 7.70 19.05 -0.42
CA LYS D 74 8.69 17.97 -0.39
C LYS D 74 8.12 16.78 0.39
N ILE D 75 7.54 17.05 1.55
CA ILE D 75 7.14 15.98 2.51
C ILE D 75 5.75 15.43 2.17
N LEU D 76 4.85 16.26 1.63
CA LEU D 76 3.43 15.85 1.43
C LEU D 76 3.14 15.48 -0.02
N SER D 77 3.86 16.01 -1.01
CA SER D 77 3.51 15.74 -2.42
C SER D 77 3.61 14.24 -2.73
N PRO D 78 4.38 13.39 -2.04
CA PRO D 78 4.32 11.95 -2.32
C PRO D 78 2.92 11.34 -2.08
N TYR D 79 2.06 12.02 -1.35
CA TYR D 79 0.73 11.52 -0.96
C TYR D 79 -0.36 12.16 -1.80
N ALA D 80 0.00 13.05 -2.70
CA ALA D 80 -0.98 13.88 -3.45
C ALA D 80 -0.90 13.56 -4.94
N SER D 81 -2.04 13.61 -5.63
CA SER D 81 -2.08 13.43 -7.10
C SER D 81 -1.65 14.73 -7.79
N ALA D 82 -1.84 15.87 -7.12
CA ALA D 82 -1.39 17.18 -7.66
C ALA D 82 -1.13 18.12 -6.49
N VAL D 83 -0.21 19.06 -6.71
CA VAL D 83 0.06 20.12 -5.71
C VAL D 83 -0.09 21.46 -6.40
N LEU D 84 -0.68 22.41 -5.69
CA LEU D 84 -0.99 23.78 -6.19
C LEU D 84 -0.01 24.76 -5.53
N LEU D 85 0.78 25.39 -6.37
CA LEU D 85 1.94 26.26 -6.03
C LEU D 85 1.67 27.65 -6.58
N ASP D 86 2.12 28.67 -5.86
CA ASP D 86 2.11 30.07 -6.35
C ASP D 86 3.50 30.51 -6.80
N GLN D 87 3.53 31.28 -7.87
CA GLN D 87 4.80 31.91 -8.36
C GLN D 87 5.34 32.91 -7.33
N GLN D 88 4.51 33.61 -6.58
CA GLN D 88 4.96 34.66 -5.63
C GLN D 88 6.01 34.07 -4.68
N PHE D 89 5.77 32.90 -4.08
CA PHE D 89 6.60 32.39 -2.98
C PHE D 89 7.27 31.05 -3.23
N CYS D 90 6.84 30.20 -4.17
CA CYS D 90 7.39 28.81 -4.13
C CYS D 90 7.43 28.06 -5.45
N TYR D 91 6.80 28.48 -6.55
CA TYR D 91 6.80 27.61 -7.76
C TYR D 91 8.25 27.38 -8.27
N ARG D 92 8.99 28.44 -8.52
CA ARG D 92 10.36 28.33 -9.09
C ARG D 92 11.26 27.55 -8.11
N GLN D 93 11.13 27.82 -6.81
CA GLN D 93 11.95 27.17 -5.76
C GLN D 93 11.64 25.66 -5.75
N ALA D 94 10.37 25.30 -5.78
CA ALA D 94 9.95 23.88 -5.75
C ALA D 94 10.53 23.17 -6.97
N VAL D 95 10.45 23.80 -8.15
CA VAL D 95 10.97 23.20 -9.40
C VAL D 95 12.49 23.05 -9.29
N GLU D 96 13.19 24.13 -8.91
CA GLU D 96 14.68 24.15 -8.87
C GLU D 96 15.18 23.09 -7.88
N GLN D 97 14.47 22.88 -6.77
CA GLN D 97 14.90 21.99 -5.67
C GLN D 97 14.31 20.58 -5.83
N ASN D 98 13.60 20.31 -6.93
CA ASN D 98 12.97 19.00 -7.20
C ASN D 98 12.14 18.56 -6.00
N ALA D 99 11.39 19.47 -5.40
CA ALA D 99 10.61 19.22 -4.17
C ALA D 99 9.36 18.39 -4.48
N VAL D 100 8.84 18.48 -5.70
CA VAL D 100 7.56 17.83 -6.03
C VAL D 100 7.85 16.39 -6.46
N ALA D 101 7.25 15.43 -5.74
CA ALA D 101 7.40 14.00 -6.05
C ALA D 101 7.03 13.80 -7.52
N LYS D 102 7.68 12.87 -8.20
CA LYS D 102 7.41 12.66 -9.65
C LYS D 102 6.02 12.06 -9.82
N SER D 103 5.44 11.48 -8.80
CA SER D 103 4.05 10.93 -8.80
C SER D 103 2.99 12.03 -8.70
N CYS D 104 3.39 13.27 -8.43
CA CYS D 104 2.46 14.39 -8.12
C CYS D 104 2.56 15.47 -9.20
N ALA D 105 1.44 15.79 -9.82
CA ALA D 105 1.38 16.80 -10.88
C ALA D 105 1.48 18.21 -10.26
N MET D 106 1.97 19.17 -11.02
CA MET D 106 2.03 20.57 -10.55
C MET D 106 0.90 21.38 -11.18
N ILE D 107 0.22 22.14 -10.32
CA ILE D 107 -0.81 23.12 -10.72
C ILE D 107 -0.24 24.48 -10.30
N VAL D 108 -0.32 25.47 -11.19
CA VAL D 108 0.22 26.81 -10.87
C VAL D 108 -0.96 27.77 -10.73
N ALA D 109 -0.99 28.55 -9.64
CA ALA D 109 -1.99 29.58 -9.45
C ALA D 109 -1.82 30.66 -10.52
N ALA D 110 -2.91 31.11 -11.08
CA ALA D 110 -2.90 32.19 -12.10
C ALA D 110 -3.79 33.34 -11.66
N ASP D 111 -4.04 33.44 -10.34
CA ASP D 111 -4.89 34.50 -9.76
C ASP D 111 -3.98 35.58 -9.15
N ASP D 112 -4.40 36.83 -9.30
CA ASP D 112 -3.75 38.01 -8.72
C ASP D 112 -4.68 38.52 -7.61
N PHE D 113 -4.32 38.27 -6.36
CA PHE D 113 -5.13 38.62 -5.19
C PHE D 113 -4.98 40.11 -4.90
N ILE D 114 -6.10 40.80 -4.78
CA ILE D 114 -6.10 42.25 -4.45
C ILE D 114 -6.66 42.40 -3.03
N PRO D 115 -5.86 42.95 -2.11
CA PRO D 115 -6.37 43.17 -0.75
C PRO D 115 -7.34 44.37 -0.73
N GLY D 116 -8.15 44.39 0.29
CA GLY D 116 -9.08 45.51 0.54
C GLY D 116 -9.93 45.23 1.74
N ASN D 117 -10.51 46.28 2.34
CA ASN D 117 -11.44 46.09 3.47
C ASN D 117 -10.82 45.22 4.57
N GLY D 118 -9.52 45.38 4.79
CA GLY D 118 -8.84 44.71 5.91
C GLY D 118 -8.57 43.22 5.72
N ILE D 119 -8.79 42.67 4.52
CA ILE D 119 -8.50 41.23 4.24
C ILE D 119 -7.53 41.15 3.07
N PRO D 120 -6.78 40.04 2.98
CA PRO D 120 -5.80 39.90 1.91
C PRO D 120 -6.38 39.63 0.51
N VAL D 121 -7.57 39.05 0.45
CA VAL D 121 -8.20 38.71 -0.85
C VAL D 121 -9.61 39.29 -0.92
N ASP D 122 -9.70 40.58 -1.27
CA ASP D 122 -11.00 41.28 -1.43
C ASP D 122 -11.48 41.26 -2.87
N ASN D 123 -10.56 41.17 -3.81
CA ASN D 123 -10.87 41.06 -5.24
C ASN D 123 -9.82 40.17 -5.88
N VAL D 124 -10.12 39.57 -7.02
CA VAL D 124 -9.16 38.69 -7.71
CA VAL D 124 -9.19 38.65 -7.72
C VAL D 124 -9.31 38.95 -9.21
N VAL D 125 -8.18 39.14 -9.85
CA VAL D 125 -8.11 39.24 -11.33
C VAL D 125 -7.16 38.17 -11.86
N LEU D 126 -7.26 37.89 -13.16
CA LEU D 126 -6.34 36.95 -13.83
C LEU D 126 -4.94 37.56 -13.78
N ASP D 127 -3.94 36.79 -13.38
CA ASP D 127 -2.53 37.24 -13.29
C ASP D 127 -1.94 37.32 -14.72
N LYS D 128 -1.79 38.54 -15.23
CA LYS D 128 -1.32 38.79 -16.63
C LYS D 128 0.18 38.49 -16.73
N LYS D 129 0.89 38.33 -15.62
CA LYS D 129 2.37 38.15 -15.63
C LYS D 129 2.71 36.69 -15.97
N ILE D 130 1.76 35.77 -15.83
CA ILE D 130 2.08 34.32 -15.92
C ILE D 130 2.41 33.97 -17.37
N ASN D 131 3.53 33.31 -17.57
CA ASN D 131 3.93 32.76 -18.89
C ASN D 131 3.54 31.27 -18.92
N ALA D 132 2.39 30.97 -19.50
CA ALA D 132 1.82 29.62 -19.53
C ALA D 132 2.78 28.65 -20.21
N GLN D 133 3.45 29.03 -21.30
CA GLN D 133 4.39 28.10 -21.99
C GLN D 133 5.55 27.78 -21.06
N ALA D 134 6.06 28.78 -20.34
CA ALA D 134 7.22 28.63 -19.44
C ALA D 134 6.84 27.73 -18.26
N VAL D 135 5.66 27.89 -17.67
CA VAL D 135 5.31 27.03 -16.50
C VAL D 135 5.03 25.62 -17.03
N LYS D 136 4.49 25.47 -18.24
CA LYS D 136 4.32 24.13 -18.87
C LYS D 136 5.68 23.47 -19.03
N ARG D 137 6.68 24.20 -19.55
CA ARG D 137 8.04 23.65 -19.79
C ARG D 137 8.62 23.17 -18.45
N ASP D 138 8.28 23.80 -17.33
CA ASP D 138 8.77 23.39 -15.98
C ASP D 138 8.02 22.17 -15.44
N GLY D 139 6.92 21.79 -16.09
CA GLY D 139 6.17 20.56 -15.76
C GLY D 139 4.74 20.82 -15.30
N ALA D 140 4.25 22.06 -15.28
CA ALA D 140 2.86 22.33 -14.84
C ALA D 140 1.87 21.66 -15.79
N LYS D 141 0.77 21.12 -15.25
CA LYS D 141 -0.28 20.48 -16.08
C LYS D 141 -1.57 21.30 -16.08
N ALA D 142 -1.70 22.30 -15.21
CA ALA D 142 -2.96 22.99 -14.94
C ALA D 142 -2.67 24.34 -14.28
N LEU D 143 -3.57 25.26 -14.54
CA LEU D 143 -3.60 26.55 -13.81
C LEU D 143 -4.87 26.59 -12.97
N LYS D 144 -4.88 27.46 -11.97
CA LYS D 144 -6.03 27.61 -11.06
C LYS D 144 -6.37 29.09 -10.87
N LEU D 145 -7.65 29.39 -10.86
CA LEU D 145 -8.17 30.76 -10.68
C LEU D 145 -9.26 30.77 -9.63
N LEU D 146 -9.01 31.47 -8.49
CA LEU D 146 -10.05 31.86 -7.53
C LEU D 146 -10.99 32.90 -8.17
N VAL D 147 -12.30 32.68 -8.06
CA VAL D 147 -13.34 33.64 -8.49
C VAL D 147 -14.19 34.03 -7.28
N LEU D 148 -14.12 35.28 -6.83
CA LEU D 148 -14.94 35.70 -5.70
C LEU D 148 -16.34 35.98 -6.22
N TRP D 149 -17.35 35.42 -5.58
CA TRP D 149 -18.75 35.53 -6.01
C TRP D 149 -19.53 36.38 -5.01
N ARG D 150 -20.20 37.42 -5.49
CA ARG D 150 -21.10 38.26 -4.68
C ARG D 150 -22.41 38.52 -5.43
N SER D 151 -23.51 38.41 -4.73
CA SER D 151 -24.86 38.49 -5.37
C SER D 151 -25.07 39.87 -6.02
N ASP D 152 -24.41 40.92 -5.54
CA ASP D 152 -24.66 42.30 -6.06
C ASP D 152 -23.52 42.76 -6.95
N GLU D 153 -22.67 41.87 -7.45
CA GLU D 153 -21.66 42.20 -8.48
C GLU D 153 -22.04 41.49 -9.78
N ASP D 154 -21.62 42.06 -10.89
CA ASP D 154 -22.01 41.65 -12.26
C ASP D 154 -21.50 40.22 -12.56
N ALA D 155 -22.42 39.30 -12.84
CA ALA D 155 -22.09 37.93 -13.28
C ALA D 155 -21.25 37.97 -14.56
N GLN D 156 -21.52 38.87 -15.50
CA GLN D 156 -20.83 38.81 -16.82
C GLN D 156 -19.34 39.09 -16.64
N GLN D 157 -18.93 39.93 -15.69
CA GLN D 157 -17.51 40.23 -15.44
C GLN D 157 -16.82 38.93 -14.95
N ARG D 158 -17.50 38.15 -14.12
CA ARG D 158 -16.92 36.86 -13.61
C ARG D 158 -16.81 35.88 -14.78
N LEU D 159 -17.88 35.75 -15.54
CA LEU D 159 -17.87 34.82 -16.71
C LEU D 159 -16.79 35.22 -17.72
N ASN D 160 -16.60 36.51 -17.98
CA ASN D 160 -15.58 37.00 -18.96
C ASN D 160 -14.18 36.63 -18.47
N MET D 161 -13.94 36.77 -17.15
CA MET D 161 -12.62 36.42 -16.59
C MET D 161 -12.41 34.90 -16.75
N VAL D 162 -13.42 34.10 -16.44
CA VAL D 162 -13.31 32.61 -16.56
C VAL D 162 -13.07 32.23 -18.04
N LYS D 163 -13.74 32.92 -18.97
CA LYS D 163 -13.52 32.64 -20.43
C LYS D 163 -12.07 32.95 -20.82
N GLU D 164 -11.53 34.09 -20.41
CA GLU D 164 -10.14 34.48 -20.74
C GLU D 164 -9.18 33.46 -20.11
N PHE D 165 -9.48 33.02 -18.90
CA PHE D 165 -8.66 32.01 -18.18
C PHE D 165 -8.69 30.66 -18.92
N ASN D 166 -9.89 30.21 -19.29
CA ASN D 166 -10.04 28.93 -20.03
C ASN D 166 -9.19 29.01 -21.30
N GLU D 167 -9.21 30.15 -21.99
CA GLU D 167 -8.46 30.31 -23.27
C GLU D 167 -6.96 30.29 -22.99
N LEU D 168 -6.49 30.97 -21.93
CA LEU D 168 -5.08 30.95 -21.56
C LEU D 168 -4.63 29.49 -21.35
N CYS D 169 -5.44 28.73 -20.61
CA CYS D 169 -5.08 27.32 -20.28
C CYS D 169 -5.11 26.47 -21.56
N HIS D 170 -6.27 26.44 -22.21
CA HIS D 170 -6.55 25.47 -23.30
C HIS D 170 -5.63 25.77 -24.50
N SER D 171 -5.39 27.04 -24.82
CA SER D 171 -4.51 27.39 -25.98
C SER D 171 -3.07 26.92 -25.73
N ASN D 172 -2.70 26.64 -24.47
CA ASN D 172 -1.34 26.18 -24.08
C ASN D 172 -1.34 24.71 -23.64
N GLY D 173 -2.46 24.00 -23.84
CA GLY D 173 -2.55 22.56 -23.52
C GLY D 173 -2.58 22.29 -22.03
N LEU D 174 -3.01 23.28 -21.25
CA LEU D 174 -3.13 23.14 -19.79
C LEU D 174 -4.57 22.98 -19.39
N LEU D 175 -4.80 22.32 -18.26
CA LEU D 175 -6.14 22.24 -17.69
C LEU D 175 -6.48 23.57 -16.98
N SER D 176 -7.74 23.87 -16.93
CA SER D 176 -8.31 25.05 -16.23
CA SER D 176 -8.29 25.05 -16.22
C SER D 176 -9.08 24.58 -15.00
N ILE D 177 -8.68 25.08 -13.83
CA ILE D 177 -9.34 24.80 -12.54
C ILE D 177 -9.89 26.12 -12.03
N ILE D 178 -11.18 26.20 -11.82
CA ILE D 178 -11.79 27.44 -11.23
C ILE D 178 -12.24 27.14 -9.82
N GLU D 179 -12.18 28.18 -8.98
CA GLU D 179 -12.49 28.04 -7.54
C GLU D 179 -13.42 29.18 -7.14
N PRO D 180 -14.73 29.07 -7.37
CA PRO D 180 -15.67 30.09 -6.94
C PRO D 180 -15.76 30.05 -5.41
N VAL D 181 -15.64 31.22 -4.77
CA VAL D 181 -15.72 31.37 -3.30
C VAL D 181 -16.73 32.48 -3.01
N VAL D 182 -17.73 32.17 -2.19
CA VAL D 182 -18.85 33.13 -1.95
C VAL D 182 -18.44 34.14 -0.89
N ARG D 183 -18.89 35.37 -1.09
CA ARG D 183 -18.65 36.48 -0.14
C ARG D 183 -19.96 37.23 0.03
N PRO D 184 -20.14 37.87 1.20
CA PRO D 184 -21.31 38.71 1.42
C PRO D 184 -21.36 39.82 0.40
N PRO D 185 -22.56 40.36 0.12
CA PRO D 185 -22.72 41.40 -0.87
C PRO D 185 -21.93 42.66 -0.45
N ARG D 186 -21.51 43.44 -1.44
CA ARG D 186 -20.83 44.72 -1.18
C ARG D 186 -21.75 45.62 -0.35
N CYS D 187 -23.05 45.58 -0.63
CA CYS D 187 -24.07 46.43 0.03
CA CYS D 187 -24.09 46.44 0.02
C CYS D 187 -25.25 45.56 0.47
N GLY D 188 -25.68 45.70 1.71
CA GLY D 188 -26.77 44.90 2.26
C GLY D 188 -26.27 43.88 3.26
N ASP D 189 -27.22 43.25 3.95
CA ASP D 189 -26.95 42.18 4.93
C ASP D 189 -27.75 40.91 4.56
N LYS D 190 -28.27 40.87 3.35
CA LYS D 190 -29.00 39.72 2.75
C LYS D 190 -27.91 38.77 2.23
N PHE D 191 -27.46 37.85 3.09
CA PHE D 191 -26.42 36.85 2.76
C PHE D 191 -26.77 35.50 3.38
N ASP D 192 -27.10 34.57 2.50
CA ASP D 192 -27.29 33.14 2.82
C ASP D 192 -26.13 32.39 2.14
N ARG D 193 -25.11 32.02 2.92
CA ARG D 193 -23.89 31.39 2.38
C ARG D 193 -24.25 30.13 1.59
N GLU D 194 -25.23 29.36 2.07
CA GLU D 194 -25.59 28.06 1.43
C GLU D 194 -26.23 28.33 0.08
N GLN D 195 -27.14 29.31 0.01
CA GLN D 195 -27.77 29.71 -1.27
C GLN D 195 -26.72 30.32 -2.21
N ALA D 196 -25.77 31.09 -1.69
CA ALA D 196 -24.73 31.71 -2.53
C ALA D 196 -23.90 30.61 -3.22
N ILE D 197 -23.52 29.57 -2.49
CA ILE D 197 -22.72 28.46 -3.10
C ILE D 197 -23.49 27.87 -4.28
N ILE D 198 -24.78 27.66 -4.08
CA ILE D 198 -25.65 27.13 -5.15
C ILE D 198 -25.72 28.13 -6.30
N ASP D 199 -25.93 29.40 -6.01
CA ASP D 199 -26.07 30.45 -7.05
C ASP D 199 -24.77 30.60 -7.84
N ALA D 200 -23.61 30.46 -7.20
CA ALA D 200 -22.31 30.55 -7.89
C ALA D 200 -22.21 29.37 -8.87
N ALA D 201 -22.68 28.19 -8.45
CA ALA D 201 -22.64 26.99 -9.31
C ALA D 201 -23.65 27.16 -10.47
N LYS D 202 -24.81 27.75 -10.21
CA LYS D 202 -25.79 28.04 -11.31
C LYS D 202 -25.10 28.91 -12.37
N GLU D 203 -24.29 29.87 -11.92
CA GLU D 203 -23.61 30.81 -12.81
C GLU D 203 -22.40 30.18 -13.51
N LEU D 204 -21.56 29.44 -12.77
CA LEU D 204 -20.19 29.10 -13.23
C LEU D 204 -20.02 27.60 -13.47
N GLY D 205 -21.02 26.79 -13.09
CA GLY D 205 -20.92 25.32 -13.10
C GLY D 205 -20.84 24.74 -14.49
N ASP D 206 -21.16 25.51 -15.53
CA ASP D 206 -21.07 25.05 -16.93
C ASP D 206 -20.26 26.06 -17.75
N SER D 207 -19.16 26.57 -17.19
CA SER D 207 -18.39 27.70 -17.78
C SER D 207 -17.22 27.23 -18.64
N GLY D 208 -17.06 25.93 -18.87
CA GLY D 208 -16.05 25.42 -19.81
C GLY D 208 -14.70 25.14 -19.18
N ALA D 209 -14.59 25.28 -17.87
CA ALA D 209 -13.36 24.86 -17.16
C ALA D 209 -13.30 23.32 -17.14
N ASP D 210 -12.15 22.78 -16.76
CA ASP D 210 -11.96 21.31 -16.66
C ASP D 210 -12.35 20.80 -15.28
N LEU D 211 -12.24 21.65 -14.25
CA LEU D 211 -12.49 21.20 -12.86
C LEU D 211 -13.05 22.38 -12.05
N TYR D 212 -14.02 22.09 -11.19
CA TYR D 212 -14.68 23.08 -10.30
C TYR D 212 -14.26 22.76 -8.86
N LYS D 213 -13.57 23.69 -8.18
CA LYS D 213 -13.12 23.57 -6.76
C LYS D 213 -14.11 24.39 -5.95
N VAL D 214 -14.89 23.75 -5.08
CA VAL D 214 -16.05 24.38 -4.40
C VAL D 214 -15.96 24.26 -2.87
N GLU D 215 -16.52 25.24 -2.18
CA GLU D 215 -16.69 25.20 -0.72
C GLU D 215 -17.69 24.11 -0.33
N MET D 216 -17.39 23.44 0.78
CA MET D 216 -18.31 22.43 1.33
C MET D 216 -19.54 23.09 1.94
N PRO D 217 -20.75 22.69 1.53
CA PRO D 217 -21.95 23.09 2.25
C PRO D 217 -21.86 22.86 3.76
N LEU D 218 -22.37 23.84 4.50
CA LEU D 218 -22.65 23.79 5.95
C LEU D 218 -21.34 23.66 6.72
N TYR D 219 -20.20 24.04 6.11
CA TYR D 219 -18.86 23.94 6.73
C TYR D 219 -18.59 22.51 7.15
N GLY D 220 -19.25 21.53 6.52
CA GLY D 220 -19.01 20.12 6.88
C GLY D 220 -19.59 19.75 8.25
N LYS D 221 -20.41 20.61 8.84
CA LYS D 221 -20.95 20.42 10.20
C LYS D 221 -22.30 19.73 10.18
N GLY D 222 -22.66 19.15 11.31
CA GLY D 222 -24.02 18.66 11.57
C GLY D 222 -24.25 17.25 11.09
N ALA D 223 -25.50 16.89 10.84
CA ALA D 223 -25.88 15.52 10.47
C ALA D 223 -25.39 15.17 9.06
N ARG D 224 -24.85 13.98 8.92
CA ARG D 224 -24.36 13.45 7.61
C ARG D 224 -25.48 13.54 6.57
N SER D 225 -26.71 13.13 6.93
CA SER D 225 -27.85 13.12 5.99
C SER D 225 -28.10 14.52 5.43
N ASP D 226 -28.01 15.58 6.25
CA ASP D 226 -28.24 16.98 5.81
C ASP D 226 -27.06 17.44 4.92
N LEU D 227 -25.84 17.02 5.25
CA LEU D 227 -24.66 17.35 4.38
C LEU D 227 -24.88 16.71 3.01
N LEU D 228 -25.41 15.49 2.96
CA LEU D 228 -25.58 14.74 1.69
C LEU D 228 -26.63 15.47 0.86
N THR D 229 -27.79 15.79 1.45
CA THR D 229 -28.85 16.51 0.74
C THR D 229 -28.27 17.81 0.15
N ALA D 230 -27.54 18.59 0.95
CA ALA D 230 -26.95 19.87 0.49
C ALA D 230 -25.94 19.64 -0.67
N SER D 231 -25.14 18.59 -0.56
CA SER D 231 -24.10 18.25 -1.58
C SER D 231 -24.77 17.75 -2.87
N GLN D 232 -25.89 17.03 -2.77
CA GLN D 232 -26.63 16.57 -3.98
C GLN D 232 -27.23 17.76 -4.71
N ARG D 233 -27.76 18.72 -3.95
CA ARG D 233 -28.31 19.95 -4.53
C ARG D 233 -27.22 20.65 -5.34
N LEU D 234 -26.03 20.78 -4.75
CA LEU D 234 -24.89 21.44 -5.41
C LEU D 234 -24.49 20.65 -6.67
N ASN D 235 -24.39 19.34 -6.56
CA ASN D 235 -23.94 18.46 -7.68
C ASN D 235 -24.80 18.75 -8.92
N GLY D 236 -26.09 18.95 -8.74
CA GLY D 236 -27.04 19.14 -9.85
C GLY D 236 -26.75 20.38 -10.67
N HIS D 237 -25.97 21.33 -10.16
CA HIS D 237 -25.65 22.60 -10.84
C HIS D 237 -24.22 22.63 -11.37
N ILE D 238 -23.46 21.52 -11.28
CA ILE D 238 -22.05 21.54 -11.73
C ILE D 238 -21.94 20.52 -12.87
N ASN D 239 -21.61 21.00 -14.05
CA ASN D 239 -21.59 20.16 -15.28
C ASN D 239 -20.17 19.87 -15.72
N MET D 240 -19.28 19.66 -14.76
CA MET D 240 -17.86 19.33 -14.94
C MET D 240 -17.52 18.56 -13.68
N PRO D 241 -16.38 17.86 -13.64
CA PRO D 241 -15.94 17.24 -12.40
C PRO D 241 -15.75 18.33 -11.33
N TRP D 242 -16.04 17.93 -10.08
CA TRP D 242 -15.88 18.88 -8.97
C TRP D 242 -15.20 18.24 -7.76
N VAL D 243 -14.49 19.10 -7.04
CA VAL D 243 -13.75 18.66 -5.80
C VAL D 243 -14.08 19.68 -4.72
N ILE D 244 -13.94 19.26 -3.48
CA ILE D 244 -14.17 20.19 -2.34
C ILE D 244 -12.85 20.71 -1.80
N LEU D 245 -12.92 21.97 -1.34
CA LEU D 245 -11.78 22.65 -0.68
C LEU D 245 -12.07 22.61 0.83
N SER D 246 -11.01 22.81 1.61
CA SER D 246 -11.12 22.65 3.06
C SER D 246 -11.30 23.97 3.80
N SER D 247 -11.06 25.15 3.21
CA SER D 247 -11.27 26.43 3.93
C SER D 247 -12.66 26.40 4.56
N GLY D 248 -12.72 26.71 5.83
CA GLY D 248 -13.99 26.77 6.58
C GLY D 248 -14.40 25.46 7.18
N VAL D 249 -13.75 24.34 6.84
CA VAL D 249 -14.10 23.01 7.42
C VAL D 249 -13.04 22.61 8.45
N ASP D 250 -13.46 22.32 9.66
CA ASP D 250 -12.53 21.81 10.70
C ASP D 250 -11.77 20.62 10.10
N GLU D 251 -10.47 20.53 10.36
CA GLU D 251 -9.63 19.42 9.85
C GLU D 251 -10.23 18.07 10.23
N LYS D 252 -10.92 17.97 11.36
CA LYS D 252 -11.45 16.67 11.83
C LYS D 252 -12.74 16.30 11.09
N LEU D 253 -13.43 17.27 10.48
CA LEU D 253 -14.70 17.03 9.75
C LEU D 253 -14.41 16.88 8.23
N PHE D 254 -13.22 17.18 7.79
CA PHE D 254 -12.94 17.21 6.33
C PHE D 254 -13.02 15.80 5.75
N PRO D 255 -12.54 14.72 6.40
CA PRO D 255 -12.68 13.37 5.82
C PRO D 255 -14.14 12.99 5.58
N ARG D 256 -15.03 13.26 6.52
CA ARG D 256 -16.47 12.99 6.31
C ARG D 256 -16.99 13.86 5.16
N ALA D 257 -16.53 15.12 5.08
CA ALA D 257 -17.00 16.02 4.01
C ALA D 257 -16.64 15.39 2.65
N VAL D 258 -15.42 14.89 2.50
CA VAL D 258 -14.98 14.26 1.23
C VAL D 258 -15.88 13.06 0.92
N ARG D 259 -16.12 12.20 1.91
CA ARG D 259 -16.99 11.01 1.71
C ARG D 259 -18.37 11.45 1.22
N VAL D 260 -18.95 12.44 1.88
CA VAL D 260 -20.34 12.86 1.56
C VAL D 260 -20.35 13.55 0.18
N ALA D 261 -19.42 14.45 -0.05
CA ALA D 261 -19.38 15.17 -1.34
C ALA D 261 -19.24 14.14 -2.47
N MET D 262 -18.39 13.14 -2.29
CA MET D 262 -18.19 12.13 -3.37
C MET D 262 -19.45 11.27 -3.54
N GLU D 263 -20.13 10.92 -2.44
CA GLU D 263 -21.43 10.21 -2.54
C GLU D 263 -22.41 11.05 -3.38
N ALA D 264 -22.34 12.38 -3.29
CA ALA D 264 -23.22 13.31 -4.01
C ALA D 264 -22.78 13.49 -5.47
N GLY D 265 -21.57 13.06 -5.86
CA GLY D 265 -21.08 13.21 -7.25
C GLY D 265 -19.73 13.88 -7.36
N ALA D 266 -19.18 14.44 -6.29
CA ALA D 266 -17.83 15.02 -6.36
C ALA D 266 -16.82 13.91 -6.70
N SER D 267 -15.61 14.31 -7.12
CA SER D 267 -14.55 13.37 -7.53
C SER D 267 -13.32 13.45 -6.61
N GLY D 268 -13.39 14.24 -5.53
CA GLY D 268 -12.27 14.29 -4.56
C GLY D 268 -12.15 15.64 -3.93
N PHE D 269 -10.89 16.03 -3.67
CA PHE D 269 -10.60 17.23 -2.84
C PHE D 269 -9.36 17.96 -3.38
N LEU D 270 -9.30 19.27 -3.09
CA LEU D 270 -8.08 20.08 -3.31
C LEU D 270 -7.97 20.90 -2.03
N ALA D 271 -7.13 20.43 -1.09
CA ALA D 271 -7.10 20.93 0.30
C ALA D 271 -5.72 21.42 0.74
N GLY D 272 -5.74 22.44 1.58
CA GLY D 272 -4.53 23.04 2.17
C GLY D 272 -4.64 22.99 3.68
N ARG D 273 -5.45 23.89 4.22
CA ARG D 273 -5.49 24.09 5.70
C ARG D 273 -5.78 22.78 6.45
N ALA D 274 -6.74 21.98 5.97
CA ALA D 274 -7.13 20.75 6.70
C ALA D 274 -5.96 19.77 6.73
N VAL D 275 -4.95 19.94 5.88
CA VAL D 275 -3.75 19.06 5.88
C VAL D 275 -2.65 19.69 6.77
N TRP D 276 -2.28 20.95 6.61
CA TRP D 276 -1.02 21.47 7.22
C TRP D 276 -1.17 22.64 8.22
N SER D 277 -2.33 23.27 8.37
CA SER D 277 -2.46 24.48 9.21
CA SER D 277 -2.45 24.48 9.23
C SER D 277 -2.00 24.18 10.66
N SER D 278 -2.29 22.99 11.17
CA SER D 278 -2.07 22.72 12.61
C SER D 278 -0.59 22.65 12.96
N VAL D 279 0.33 22.52 12.01
CA VAL D 279 1.77 22.42 12.37
C VAL D 279 2.45 23.79 12.36
N ILE D 280 1.77 24.84 11.89
CA ILE D 280 2.39 26.19 11.88
C ILE D 280 2.66 26.62 13.32
N GLY D 281 3.90 26.94 13.63
CA GLY D 281 4.27 27.40 14.98
C GLY D 281 4.79 26.29 15.87
N LEU D 282 4.69 25.03 15.44
CA LEU D 282 5.29 23.92 16.23
C LEU D 282 6.77 23.88 15.97
N PRO D 283 7.56 23.32 16.92
CA PRO D 283 8.96 23.02 16.65
C PRO D 283 9.08 21.91 15.59
N ASP D 284 10.23 21.81 14.95
CA ASP D 284 10.62 20.62 14.13
C ASP D 284 9.64 20.49 12.98
N THR D 285 9.49 21.54 12.18
CA THR D 285 8.46 21.61 11.10
C THR D 285 8.48 20.36 10.19
N GLU D 286 9.64 19.90 9.72
CA GLU D 286 9.69 18.74 8.79
C GLU D 286 9.16 17.48 9.50
N LEU D 287 9.54 17.23 10.76
CA LEU D 287 9.00 16.07 11.50
C LEU D 287 7.48 16.23 11.62
N MET D 288 7.00 17.44 11.90
CA MET D 288 5.57 17.66 12.11
C MET D 288 4.81 17.43 10.80
N LEU D 289 5.34 17.93 9.69
CA LEU D 289 4.65 17.67 8.40
C LEU D 289 4.58 16.16 8.13
N ARG D 290 5.60 15.39 8.50
CA ARG D 290 5.61 13.93 8.22
C ARG D 290 4.65 13.25 9.20
N ASP D 291 4.65 13.65 10.47
CA ASP D 291 3.92 12.87 11.51
C ASP D 291 2.49 13.31 11.75
N VAL D 292 2.17 14.58 11.49
CA VAL D 292 0.87 15.19 11.82
C VAL D 292 0.11 15.42 10.52
N SER D 293 0.73 16.10 9.56
CA SER D 293 0.03 16.47 8.30
C SER D 293 -0.09 15.26 7.37
N ALA D 294 0.95 14.48 7.18
CA ALA D 294 0.98 13.42 6.16
C ALA D 294 -0.11 12.39 6.44
N PRO D 295 -0.30 11.91 7.70
CA PRO D 295 -1.37 10.92 7.92
C PRO D 295 -2.76 11.42 7.56
N LYS D 296 -3.04 12.70 7.77
CA LYS D 296 -4.32 13.31 7.36
C LYS D 296 -4.47 13.25 5.83
N LEU D 297 -3.42 13.64 5.10
CA LEU D 297 -3.50 13.63 3.62
C LEU D 297 -3.61 12.18 3.11
N GLN D 298 -2.88 11.27 3.72
CA GLN D 298 -2.94 9.83 3.34
C GLN D 298 -4.36 9.32 3.51
N ARG D 299 -5.00 9.60 4.65
CA ARG D 299 -6.36 9.12 4.90
C ARG D 299 -7.29 9.67 3.83
N LEU D 300 -7.19 10.95 3.51
CA LEU D 300 -8.09 11.56 2.50
C LEU D 300 -7.92 10.81 1.16
N GLY D 301 -6.70 10.51 0.77
CA GLY D 301 -6.42 9.73 -0.46
C GLY D 301 -7.09 8.38 -0.44
N GLU D 302 -7.03 7.70 0.70
CA GLU D 302 -7.67 6.37 0.86
C GLU D 302 -9.17 6.49 0.70
N ILE D 303 -9.78 7.52 1.28
CA ILE D 303 -11.24 7.75 1.15
C ILE D 303 -11.59 8.00 -0.31
N VAL D 304 -10.80 8.81 -1.00
CA VAL D 304 -11.08 9.07 -2.44
C VAL D 304 -11.10 7.73 -3.21
N ASP D 305 -10.12 6.86 -2.98
CA ASP D 305 -10.06 5.58 -3.73
C ASP D 305 -11.26 4.72 -3.34
N GLU D 306 -11.62 4.70 -2.07
CA GLU D 306 -12.77 3.88 -1.61
C GLU D 306 -14.03 4.36 -2.34
N MET D 307 -14.25 5.67 -2.44
CA MET D 307 -15.47 6.19 -3.09
C MET D 307 -15.41 5.94 -4.60
N MET D 308 -14.26 6.07 -5.24
CA MET D 308 -14.17 5.82 -6.71
C MET D 308 -14.47 4.35 -7.00
N ALA D 309 -14.08 3.44 -6.10
CA ALA D 309 -14.25 1.98 -6.30
C ALA D 309 -15.75 1.63 -6.29
N LYS D 310 -16.59 2.45 -5.66
CA LYS D 310 -18.07 2.20 -5.53
C LYS D 310 -18.80 2.63 -6.81
N ARG D 311 -18.16 3.36 -7.70
CA ARG D 311 -18.80 3.69 -8.99
C ARG D 311 -18.72 2.47 -9.91
#